data_7P3J
#
_entry.id   7P3J
#
_cell.length_a   86.100
_cell.length_b   86.600
_cell.length_c   97.290
_cell.angle_alpha   90.000
_cell.angle_beta   90.000
_cell.angle_gamma   90.000
#
_symmetry.space_group_name_H-M   'P 21 21 21'
#
loop_
_entity.id
_entity.type
_entity.pdbx_description
1 polymer 'Polycomb protein EED'
2 non-polymer 'MAGNESIUM ION'
3 non-polymer N-(2,3-dihydro-1-benzofuran-4-ylmethyl)-8-(4-methylsulfonylphenyl)-[1,2,4]triazolo[4,3-c]pyrimidin-5-amine
4 non-polymer 8-[6-[(dimethylamino)methyl]-2-methyl-pyridin-3-yl]-5-[(5-fluoranyl-2,3-dihydro-1-benzofuran-4-yl)methylamino]-2H-pyrido[3,4-d]pyridazin-1-one
5 water water
#
_entity_poly.entity_id   1
_entity_poly.type   'polypeptide(L)'
_entity_poly.pdbx_seq_one_letter_code
;KKCKYSFKCVNSLKEDHNQPLFGVQFNWHSKEGDPLVFATVGSNRVTLYECHSQGEIRLLQSYVDADADENFYTCAWTYD
SNTSHPLLAVAGSRGIIRIINPITMQCIKHYVGHGNAINELKFHPRDPNLLLSVSKDHALRLWNIQTDTLVAIFGGVEGH
RDEVLSADYDLLGEKIMSCGMDHSLKLWRINSKRMMNAIKESYDYNPNKTNRPFISQKIHFPDFSTRDIHRNYVDCVRWL
GDLILSKSCENAIVCWKPGKMEDDIDKIKPSESNVTILGRFDYSQCDIWYMRFSMDFWQKMLALGNQVGKLYVWDLEVED
PHKAKCTTLTHHKCGAAIRQTSFSRDSSILIAVCDDASIWRWDRLR
;
_entity_poly.pdbx_strand_id   A,B
#
loop_
_chem_comp.id
_chem_comp.type
_chem_comp.name
_chem_comp.formula
54N non-polymer 8-[6-[(dimethylamino)methyl]-2-methyl-pyridin-3-yl]-5-[(5-fluoranyl-2,3-dihydro-1-benzofuran-4-yl)methylamino]-2H-pyrido[3,4-d]pyridazin-1-one 'C25 H25 F N6 O2'
L9W non-polymer N-(2,3-dihydro-1-benzofuran-4-ylmethyl)-8-(4-methylsulfonylphenyl)-[1,2,4]triazolo[4,3-c]pyrimidin-5-amine 'C21 H19 N5 O3 S'
MG non-polymer 'MAGNESIUM ION' 'Mg 2'
#
# COMPACT_ATOMS: atom_id res chain seq x y z
N PHE A 7 -2.55 -19.39 17.48
CA PHE A 7 -2.98 -18.26 18.32
C PHE A 7 -4.45 -17.93 18.15
N LYS A 8 -5.08 -17.55 19.25
CA LYS A 8 -6.47 -17.14 19.29
C LYS A 8 -6.56 -15.79 19.99
N CYS A 9 -7.40 -14.88 19.46
CA CYS A 9 -7.57 -13.57 20.06
C CYS A 9 -8.52 -13.74 21.24
N VAL A 10 -7.99 -13.56 22.45
CA VAL A 10 -8.75 -13.77 23.68
C VAL A 10 -9.29 -12.48 24.28
N ASN A 11 -8.68 -11.32 23.95
CA ASN A 11 -9.10 -10.03 24.51
C ASN A 11 -8.57 -8.84 23.70
N SER A 12 -9.21 -7.69 23.92
CA SER A 12 -8.85 -6.40 23.31
C SER A 12 -9.43 -5.26 24.14
N LEU A 13 -8.77 -4.11 24.08
CA LEU A 13 -9.23 -2.89 24.77
C LEU A 13 -8.69 -1.65 24.05
N LYS A 14 -9.27 -0.49 24.34
CA LYS A 14 -8.85 0.76 23.72
C LYS A 14 -8.49 1.76 24.81
N GLU A 15 -7.30 2.37 24.72
CA GLU A 15 -6.88 3.35 25.71
C GLU A 15 -7.66 4.64 25.47
N ASP A 16 -8.19 5.23 26.55
CA ASP A 16 -9.09 6.40 26.52
C ASP A 16 -8.50 7.65 25.88
N HIS A 17 -7.16 7.77 25.78
CA HIS A 17 -6.54 8.94 25.13
C HIS A 17 -6.79 8.99 23.62
N ASN A 18 -7.09 7.83 22.99
CA ASN A 18 -7.42 7.67 21.55
C ASN A 18 -6.25 8.06 20.60
N GLN A 19 -5.03 8.12 21.11
CA GLN A 19 -3.83 8.44 20.31
C GLN A 19 -3.12 7.15 19.90
N PRO A 20 -2.31 7.14 18.82
CA PRO A 20 -1.61 5.90 18.46
C PRO A 20 -0.71 5.36 19.57
N LEU A 21 -0.65 4.06 19.68
CA LEU A 21 0.28 3.40 20.60
C LEU A 21 1.46 3.00 19.73
N PHE A 22 2.65 3.51 20.07
CA PHE A 22 3.86 3.24 19.27
C PHE A 22 4.77 2.18 19.83
N GLY A 23 4.59 1.87 21.12
CA GLY A 23 5.43 0.89 21.79
C GLY A 23 4.71 -0.04 22.74
N VAL A 24 5.21 -1.27 22.83
CA VAL A 24 4.72 -2.30 23.74
C VAL A 24 5.88 -3.24 24.10
N GLN A 25 6.05 -3.49 25.41
CA GLN A 25 7.05 -4.42 25.93
C GLN A 25 6.53 -5.21 27.12
N PHE A 26 6.63 -6.54 27.04
CA PHE A 26 6.42 -7.38 28.20
C PHE A 26 7.66 -7.24 29.07
N ASN A 27 7.51 -7.34 30.39
CA ASN A 27 8.65 -7.33 31.28
C ASN A 27 9.22 -8.76 31.30
N TRP A 28 10.38 -8.97 30.70
CA TRP A 28 10.99 -10.30 30.66
C TRP A 28 11.83 -10.60 31.92
N HIS A 29 11.89 -9.63 32.87
CA HIS A 29 12.67 -9.80 34.10
C HIS A 29 11.84 -10.31 35.31
N SER A 30 10.74 -11.03 35.07
CA SER A 30 9.90 -11.62 36.14
C SER A 30 10.02 -13.14 36.18
N LYS A 31 10.01 -13.72 37.41
CA LYS A 31 10.13 -15.17 37.62
C LYS A 31 8.85 -15.92 37.19
N GLU A 32 8.93 -17.27 37.04
CA GLU A 32 7.75 -18.07 36.72
C GLU A 32 6.88 -18.08 37.98
N GLY A 33 5.59 -17.80 37.79
CA GLY A 33 4.64 -17.66 38.89
C GLY A 33 4.43 -16.22 39.30
N ASP A 34 5.33 -15.32 38.84
CA ASP A 34 5.24 -13.88 39.10
C ASP A 34 4.26 -13.23 38.09
N PRO A 35 3.71 -12.03 38.38
CA PRO A 35 2.76 -11.41 37.45
C PRO A 35 3.30 -11.15 36.03
N LEU A 36 2.53 -11.54 35.00
CA LEU A 36 2.88 -11.28 33.59
C LEU A 36 2.47 -9.84 33.29
N VAL A 37 3.43 -8.94 33.23
CA VAL A 37 3.17 -7.51 33.06
C VAL A 37 3.75 -6.99 31.73
N PHE A 38 2.99 -6.10 31.04
CA PHE A 38 3.46 -5.41 29.84
C PHE A 38 3.18 -3.90 29.95
N ALA A 39 4.02 -3.10 29.30
CA ALA A 39 3.89 -1.66 29.23
C ALA A 39 3.52 -1.25 27.81
N THR A 40 2.67 -0.23 27.69
CA THR A 40 2.31 0.40 26.41
C THR A 40 2.69 1.87 26.51
N VAL A 41 3.05 2.47 25.37
CA VAL A 41 3.41 3.89 25.28
C VAL A 41 2.76 4.49 24.05
N GLY A 42 2.07 5.57 24.32
CA GLY A 42 1.29 6.34 23.37
C GLY A 42 0.92 7.66 24.00
N SER A 43 0.63 8.68 23.17
CA SER A 43 0.34 10.04 23.64
C SER A 43 1.53 10.44 24.60
N ASN A 44 1.24 11.01 25.77
CA ASN A 44 2.25 11.36 26.78
C ASN A 44 2.09 10.38 27.97
N ARG A 45 1.65 9.17 27.64
CA ARG A 45 1.32 8.15 28.63
C ARG A 45 2.11 6.87 28.56
N VAL A 46 2.27 6.27 29.72
CA VAL A 46 2.88 4.97 29.89
C VAL A 46 1.89 4.18 30.73
N THR A 47 1.44 3.02 30.24
CA THR A 47 0.45 2.22 30.97
C THR A 47 0.93 0.80 31.21
N LEU A 48 0.75 0.32 32.44
CA LEU A 48 1.13 -1.05 32.82
C LEU A 48 -0.12 -1.90 32.93
N TYR A 49 -0.04 -3.11 32.39
CA TYR A 49 -1.14 -4.07 32.42
C TYR A 49 -0.63 -5.41 32.90
N GLU A 50 -1.50 -6.18 33.55
CA GLU A 50 -1.21 -7.53 34.00
C GLU A 50 -2.05 -8.51 33.21
N CYS A 51 -1.43 -9.60 32.73
CA CYS A 51 -2.09 -10.67 32.00
C CYS A 51 -2.44 -11.79 32.99
N HIS A 52 -3.70 -12.16 33.01
CA HIS A 52 -4.21 -13.23 33.86
C HIS A 52 -4.77 -14.34 32.98
N SER A 53 -5.15 -15.46 33.61
CA SER A 53 -5.76 -16.61 32.93
C SER A 53 -7.10 -16.22 32.29
N GLN A 54 -7.57 -17.04 31.34
CA GLN A 54 -8.84 -16.86 30.60
C GLN A 54 -8.89 -15.51 29.84
N GLY A 55 -7.74 -15.08 29.33
CA GLY A 55 -7.58 -13.86 28.55
C GLY A 55 -7.76 -12.54 29.26
N GLU A 56 -7.88 -12.55 30.61
CA GLU A 56 -8.06 -11.34 31.42
C GLU A 56 -6.83 -10.39 31.40
N ILE A 57 -7.10 -9.11 31.17
CA ILE A 57 -6.12 -8.03 31.18
C ILE A 57 -6.59 -7.08 32.29
N ARG A 58 -5.71 -6.81 33.25
CA ARG A 58 -5.98 -5.93 34.36
C ARG A 58 -5.10 -4.69 34.25
N LEU A 59 -5.72 -3.51 34.32
CA LEU A 59 -5.02 -2.23 34.29
C LEU A 59 -4.36 -2.08 35.68
N LEU A 60 -3.02 -1.90 35.71
CA LEU A 60 -2.28 -1.76 36.97
C LEU A 60 -2.11 -0.30 37.37
N GLN A 61 -1.41 0.46 36.54
CA GLN A 61 -1.11 1.86 36.79
C GLN A 61 -0.83 2.60 35.51
N SER A 62 -0.99 3.92 35.55
CA SER A 62 -0.75 4.79 34.41
C SER A 62 0.16 5.96 34.84
N TYR A 63 1.16 6.24 34.02
CA TYR A 63 2.03 7.38 34.20
C TYR A 63 1.61 8.39 33.13
N VAL A 64 1.34 9.62 33.53
CA VAL A 64 0.99 10.69 32.62
C VAL A 64 2.10 11.73 32.77
N ASP A 65 2.83 12.00 31.68
CA ASP A 65 3.90 12.99 31.70
C ASP A 65 3.36 14.40 31.98
N ALA A 66 4.08 15.18 32.81
CA ALA A 66 3.73 16.58 33.17
C ALA A 66 3.65 17.45 31.92
N ASP A 67 4.42 17.11 30.87
CA ASP A 67 4.41 17.79 29.58
C ASP A 67 3.33 17.15 28.69
N ALA A 68 2.24 17.89 28.43
CA ALA A 68 1.11 17.48 27.59
C ALA A 68 1.52 17.30 26.11
N ASP A 69 2.60 17.96 25.67
CA ASP A 69 3.11 17.88 24.30
C ASP A 69 4.08 16.70 24.06
N GLU A 70 4.38 15.91 25.11
CA GLU A 70 5.25 14.73 24.96
C GLU A 70 4.54 13.62 24.16
N ASN A 71 5.29 12.96 23.26
CA ASN A 71 4.83 11.82 22.46
C ASN A 71 5.83 10.69 22.65
N PHE A 72 5.52 9.75 23.55
CA PHE A 72 6.38 8.59 23.81
C PHE A 72 6.37 7.67 22.61
N TYR A 73 7.56 7.29 22.16
CA TYR A 73 7.75 6.44 20.99
C TYR A 73 8.28 5.06 21.33
N THR A 74 8.89 4.90 22.52
CA THR A 74 9.61 3.68 22.90
C THR A 74 9.68 3.50 24.42
N CYS A 75 9.83 2.24 24.84
CA CYS A 75 10.04 1.88 26.24
C CYS A 75 10.89 0.61 26.27
N ALA A 76 11.55 0.37 27.41
CA ALA A 76 12.41 -0.79 27.63
C ALA A 76 12.54 -1.06 29.12
N TRP A 77 12.45 -2.33 29.48
CA TRP A 77 12.54 -2.76 30.88
C TRP A 77 13.99 -3.09 31.28
N THR A 78 14.30 -2.87 32.54
CA THR A 78 15.53 -3.27 33.19
C THR A 78 15.19 -3.63 34.63
N TYR A 79 16.21 -3.88 35.45
CA TYR A 79 16.07 -4.16 36.86
C TYR A 79 17.23 -3.51 37.58
N ASP A 80 17.02 -3.21 38.86
CA ASP A 80 18.04 -2.64 39.74
C ASP A 80 18.87 -3.88 40.16
N SER A 81 20.17 -3.92 39.81
CA SER A 81 21.06 -5.07 40.13
C SER A 81 21.07 -5.45 41.64
N ASN A 82 20.96 -4.46 42.54
CA ASN A 82 20.99 -4.66 44.00
C ASN A 82 19.76 -5.33 44.61
N THR A 83 18.56 -5.05 44.08
CA THR A 83 17.31 -5.57 44.66
C THR A 83 16.52 -6.50 43.73
N SER A 84 16.88 -6.52 42.42
CA SER A 84 16.18 -7.24 41.34
C SER A 84 14.79 -6.61 41.01
N HIS A 85 14.51 -5.41 41.57
CA HIS A 85 13.26 -4.67 41.33
C HIS A 85 13.21 -4.12 39.90
N PRO A 86 12.10 -4.33 39.18
CA PRO A 86 12.04 -3.84 37.79
C PRO A 86 12.00 -2.32 37.66
N LEU A 87 12.50 -1.83 36.54
CA LEU A 87 12.55 -0.40 36.20
C LEU A 87 12.16 -0.25 34.73
N LEU A 88 11.53 0.87 34.39
CA LEU A 88 11.10 1.08 33.03
C LEU A 88 11.63 2.40 32.48
N ALA A 89 12.26 2.36 31.31
CA ALA A 89 12.78 3.55 30.66
C ALA A 89 11.86 3.91 29.51
N VAL A 90 11.50 5.19 29.40
CA VAL A 90 10.63 5.66 28.33
C VAL A 90 11.21 6.92 27.71
N ALA A 91 10.89 7.17 26.44
CA ALA A 91 11.35 8.38 25.71
C ALA A 91 10.53 8.56 24.46
N GLY A 92 10.63 9.76 23.88
CA GLY A 92 9.98 10.05 22.61
C GLY A 92 10.33 11.38 22.00
N SER A 93 9.30 12.12 21.54
CA SER A 93 9.44 13.38 20.82
C SER A 93 10.22 14.46 21.56
N ARG A 94 10.16 14.49 22.90
CA ARG A 94 10.91 15.51 23.63
C ARG A 94 12.43 15.28 23.74
N GLY A 95 12.89 14.06 23.42
CA GLY A 95 14.30 13.68 23.50
C GLY A 95 14.78 13.54 24.92
N ILE A 96 13.86 13.32 25.87
CA ILE A 96 14.18 13.13 27.29
C ILE A 96 13.90 11.68 27.67
N ILE A 97 14.87 11.04 28.30
CA ILE A 97 14.73 9.67 28.79
C ILE A 97 14.20 9.77 30.21
N ARG A 98 13.12 9.06 30.50
CA ARG A 98 12.60 9.00 31.86
C ARG A 98 12.70 7.59 32.39
N ILE A 99 13.22 7.46 33.63
CA ILE A 99 13.30 6.19 34.34
C ILE A 99 12.15 6.20 35.33
N ILE A 100 11.24 5.24 35.18
CA ILE A 100 10.05 5.11 36.00
C ILE A 100 10.13 3.89 36.91
N ASN A 101 9.75 4.08 38.20
CA ASN A 101 9.63 3.02 39.19
C ASN A 101 8.24 2.41 38.87
N PRO A 102 8.12 1.17 38.33
CA PRO A 102 6.79 0.65 37.94
C PRO A 102 5.84 0.30 39.10
N ILE A 103 6.36 0.23 40.35
CA ILE A 103 5.55 -0.09 41.52
C ILE A 103 4.66 1.11 41.86
N THR A 104 5.25 2.32 41.88
CA THR A 104 4.55 3.58 42.18
C THR A 104 4.15 4.34 40.91
N MET A 105 4.74 3.97 39.76
CA MET A 105 4.56 4.61 38.45
C MET A 105 5.04 6.08 38.48
N GLN A 106 6.05 6.33 39.31
CA GLN A 106 6.68 7.63 39.50
C GLN A 106 8.02 7.70 38.79
N CYS A 107 8.34 8.87 38.22
CA CYS A 107 9.60 9.12 37.55
C CYS A 107 10.68 9.34 38.62
N ILE A 108 11.69 8.44 38.64
CA ILE A 108 12.85 8.39 39.53
C ILE A 108 13.90 9.38 39.03
N LYS A 109 14.20 9.35 37.71
CA LYS A 109 15.18 10.25 37.12
C LYS A 109 15.00 10.43 35.61
N HIS A 110 15.64 11.47 35.09
CA HIS A 110 15.58 11.81 33.70
C HIS A 110 16.95 12.19 33.13
N TYR A 111 17.17 11.92 31.83
CA TYR A 111 18.40 12.22 31.09
C TYR A 111 18.05 13.04 29.88
N VAL A 112 18.79 14.14 29.72
CA VAL A 112 18.71 15.10 28.64
C VAL A 112 20.09 15.04 27.93
N GLY A 113 20.10 15.33 26.64
CA GLY A 113 21.32 15.34 25.86
C GLY A 113 21.12 15.34 24.36
N HIS A 114 20.26 14.42 23.87
CA HIS A 114 19.93 14.31 22.43
C HIS A 114 19.33 15.62 21.90
N GLY A 115 19.74 16.01 20.70
CA GLY A 115 19.29 17.24 20.05
C GLY A 115 17.90 17.14 19.44
N ASN A 116 17.23 15.97 19.64
CA ASN A 116 15.92 15.71 19.07
C ASN A 116 15.32 14.43 19.69
N ALA A 117 14.17 14.03 19.14
CA ALA A 117 13.36 12.88 19.52
C ALA A 117 14.17 11.60 19.60
N ILE A 118 13.82 10.75 20.56
CA ILE A 118 14.42 9.42 20.74
C ILE A 118 13.46 8.42 20.12
N ASN A 119 13.96 7.65 19.15
CA ASN A 119 13.18 6.65 18.40
C ASN A 119 13.19 5.26 19.00
N GLU A 120 14.25 4.89 19.73
CA GLU A 120 14.35 3.58 20.37
C GLU A 120 15.27 3.60 21.59
N LEU A 121 14.93 2.79 22.57
CA LEU A 121 15.70 2.55 23.79
C LEU A 121 15.92 1.07 23.90
N LYS A 122 17.15 0.63 24.27
CA LYS A 122 17.50 -0.78 24.48
C LYS A 122 18.47 -0.90 25.64
N PHE A 123 18.20 -1.85 26.55
CA PHE A 123 19.13 -2.12 27.65
C PHE A 123 20.10 -3.20 27.24
N HIS A 124 21.35 -3.04 27.67
CA HIS A 124 22.42 -4.01 27.43
C HIS A 124 21.93 -5.41 27.98
N PRO A 125 22.11 -6.51 27.20
CA PRO A 125 21.60 -7.83 27.66
C PRO A 125 22.31 -8.42 28.89
N ARG A 126 23.46 -7.94 29.24
CA ARG A 126 24.21 -8.46 30.38
C ARG A 126 24.24 -7.42 31.51
N ASP A 127 24.46 -6.15 31.16
CA ASP A 127 24.55 -5.03 32.12
C ASP A 127 23.26 -4.22 32.16
N PRO A 128 22.47 -4.46 33.22
CA PRO A 128 21.18 -3.77 33.34
C PRO A 128 21.26 -2.24 33.52
N ASN A 129 22.46 -1.70 33.84
CA ASN A 129 22.64 -0.24 34.00
C ASN A 129 22.97 0.48 32.68
N LEU A 130 23.25 -0.29 31.61
CA LEU A 130 23.66 0.29 30.32
C LEU A 130 22.51 0.43 29.35
N LEU A 131 22.10 1.67 29.14
CA LEU A 131 20.98 2.04 28.30
C LEU A 131 21.45 2.71 27.02
N LEU A 132 20.99 2.19 25.92
CA LEU A 132 21.24 2.73 24.59
C LEU A 132 20.02 3.51 24.07
N SER A 133 20.25 4.72 23.58
CA SER A 133 19.18 5.53 22.96
C SER A 133 19.60 5.88 21.53
N VAL A 134 18.63 5.93 20.62
CA VAL A 134 18.87 6.31 19.21
C VAL A 134 18.00 7.52 18.91
N SER A 135 18.54 8.49 18.20
CA SER A 135 17.81 9.73 18.00
C SER A 135 17.75 10.26 16.59
N LYS A 136 16.80 11.19 16.37
CA LYS A 136 16.60 11.95 15.16
C LYS A 136 17.80 12.90 14.93
N ASP A 137 18.64 13.12 15.97
CA ASP A 137 19.84 13.98 15.85
C ASP A 137 21.02 13.26 15.15
N HIS A 138 20.79 12.01 14.61
CA HIS A 138 21.73 11.18 13.84
C HIS A 138 22.69 10.36 14.70
N ALA A 139 22.57 10.45 16.02
CA ALA A 139 23.44 9.77 16.98
C ALA A 139 22.75 8.71 17.83
N LEU A 140 23.57 7.82 18.34
CA LEU A 140 23.24 6.84 19.34
C LEU A 140 23.99 7.32 20.61
N ARG A 141 23.42 7.07 21.78
CA ARG A 141 24.01 7.43 23.06
C ARG A 141 23.93 6.24 24.01
N LEU A 142 25.05 5.94 24.67
CA LEU A 142 25.13 4.88 25.68
C LEU A 142 25.26 5.54 27.06
N TRP A 143 24.29 5.28 27.93
CA TRP A 143 24.16 5.82 29.27
C TRP A 143 24.39 4.76 30.34
N ASN A 144 25.00 5.16 31.45
CA ASN A 144 25.17 4.32 32.62
C ASN A 144 24.13 4.92 33.62
N ILE A 145 22.99 4.25 33.81
CA ILE A 145 21.94 4.78 34.69
C ILE A 145 22.23 4.53 36.21
N GLN A 146 23.29 3.78 36.55
CA GLN A 146 23.64 3.60 37.96
C GLN A 146 24.39 4.86 38.42
N THR A 147 25.29 5.42 37.56
CA THR A 147 26.05 6.61 37.90
C THR A 147 25.55 7.90 37.21
N ASP A 148 24.43 7.81 36.45
CA ASP A 148 23.84 8.95 35.72
C ASP A 148 24.89 9.59 34.79
N THR A 149 25.62 8.75 34.05
CA THR A 149 26.69 9.26 33.18
C THR A 149 26.43 8.90 31.73
N LEU A 150 26.86 9.78 30.84
CA LEU A 150 26.82 9.55 29.41
C LEU A 150 28.17 8.89 29.05
N VAL A 151 28.15 7.59 28.76
CA VAL A 151 29.37 6.82 28.48
C VAL A 151 29.98 7.18 27.12
N ALA A 152 29.11 7.18 26.07
CA ALA A 152 29.58 7.39 24.70
C ALA A 152 28.50 7.92 23.80
N ILE A 153 28.94 8.63 22.75
CA ILE A 153 28.12 9.16 21.68
C ILE A 153 28.64 8.56 20.39
N PHE A 154 27.76 7.90 19.65
CA PHE A 154 28.09 7.22 18.40
C PHE A 154 27.46 8.02 17.27
N GLY A 155 28.31 8.66 16.52
CA GLY A 155 27.88 9.47 15.41
C GLY A 155 28.90 10.55 15.10
N GLY A 156 28.60 11.29 14.06
CA GLY A 156 29.46 12.36 13.59
C GLY A 156 29.58 12.26 12.10
N VAL A 157 30.81 12.44 11.59
CA VAL A 157 31.18 12.46 10.18
C VAL A 157 30.77 11.17 9.46
N GLU A 158 31.34 10.01 9.87
CA GLU A 158 31.04 8.70 9.29
C GLU A 158 29.93 7.95 10.03
N GLY A 159 29.23 8.64 10.94
CA GLY A 159 28.07 8.08 11.63
C GLY A 159 26.87 8.18 10.70
N HIS A 160 25.64 7.98 11.24
CA HIS A 160 24.43 8.15 10.43
C HIS A 160 24.33 9.59 9.92
N ARG A 161 23.85 9.75 8.68
CA ARG A 161 23.72 11.08 8.04
C ARG A 161 22.31 11.60 8.11
N ASP A 162 21.42 10.87 8.79
CA ASP A 162 20.02 11.21 8.96
C ASP A 162 19.55 10.53 10.25
N GLU A 163 18.28 10.76 10.61
CA GLU A 163 17.61 10.25 11.82
C GLU A 163 17.82 8.75 12.04
N VAL A 164 18.23 8.37 13.26
CA VAL A 164 18.43 6.96 13.60
C VAL A 164 17.07 6.42 14.08
N LEU A 165 16.61 5.32 13.50
CA LEU A 165 15.29 4.77 13.82
C LEU A 165 15.27 3.59 14.76
N SER A 166 16.34 2.78 14.73
CA SER A 166 16.41 1.55 15.49
C SER A 166 17.86 1.14 15.74
N ALA A 167 18.07 0.35 16.79
CA ALA A 167 19.34 -0.28 17.11
C ALA A 167 19.10 -1.52 17.98
N ASP A 168 20.07 -2.43 17.98
CA ASP A 168 19.99 -3.65 18.80
C ASP A 168 21.39 -4.08 19.21
N TYR A 169 21.50 -4.59 20.41
CA TYR A 169 22.75 -5.19 20.90
C TYR A 169 22.73 -6.64 20.44
N ASP A 170 23.90 -7.21 20.17
CA ASP A 170 24.00 -8.65 19.87
C ASP A 170 23.75 -9.43 21.20
N LEU A 171 23.74 -10.76 21.16
CA LEU A 171 23.46 -11.64 22.31
C LEU A 171 24.27 -11.27 23.57
N LEU A 172 25.57 -11.07 23.44
CA LEU A 172 26.39 -10.75 24.60
C LEU A 172 26.55 -9.26 24.91
N GLY A 173 26.08 -8.39 24.03
CA GLY A 173 26.25 -6.96 24.20
C GLY A 173 27.70 -6.54 23.98
N GLU A 174 28.36 -7.17 23.02
CA GLU A 174 29.73 -6.85 22.62
C GLU A 174 29.68 -5.85 21.45
N LYS A 175 28.52 -5.75 20.78
CA LYS A 175 28.35 -4.86 19.62
C LYS A 175 26.91 -4.46 19.39
N ILE A 176 26.74 -3.35 18.67
CA ILE A 176 25.44 -2.76 18.35
C ILE A 176 25.30 -2.63 16.84
N MET A 177 24.11 -2.93 16.31
CA MET A 177 23.81 -2.62 14.92
C MET A 177 22.71 -1.54 14.97
N SER A 178 22.90 -0.44 14.25
CA SER A 178 21.94 0.66 14.20
C SER A 178 21.51 0.86 12.76
N CYS A 179 20.37 1.54 12.57
CA CYS A 179 19.80 1.80 11.25
C CYS A 179 18.93 3.02 11.25
N GLY A 180 18.76 3.64 10.08
CA GLY A 180 17.90 4.81 9.96
C GLY A 180 17.47 5.24 8.58
N MET A 181 17.11 6.53 8.50
CA MET A 181 16.60 7.24 7.33
C MET A 181 17.63 7.36 6.22
N ASP A 182 18.93 7.21 6.53
CA ASP A 182 19.97 7.24 5.50
C ASP A 182 20.08 5.91 4.73
N HIS A 183 19.15 4.95 5.01
CA HIS A 183 19.07 3.60 4.37
C HIS A 183 20.24 2.71 4.82
N SER A 184 21.07 3.19 5.74
CA SER A 184 22.23 2.40 6.13
C SER A 184 22.05 1.64 7.43
N LEU A 185 22.81 0.55 7.55
CA LEU A 185 22.95 -0.26 8.76
C LEU A 185 24.44 -0.15 9.17
N LYS A 186 24.69 0.26 10.42
CA LYS A 186 26.04 0.46 10.94
C LYS A 186 26.30 -0.34 12.19
N LEU A 187 27.50 -0.93 12.23
CA LEU A 187 27.97 -1.73 13.34
C LEU A 187 28.89 -0.91 14.24
N TRP A 188 28.69 -1.01 15.56
CA TRP A 188 29.52 -0.29 16.54
C TRP A 188 29.94 -1.30 17.64
N ARG A 189 31.24 -1.59 17.71
CA ARG A 189 31.76 -2.53 18.71
C ARG A 189 31.91 -1.84 20.06
N ILE A 190 31.41 -2.47 21.13
CA ILE A 190 31.55 -1.85 22.46
C ILE A 190 32.41 -2.74 23.41
N ASN A 191 33.06 -3.76 22.83
CA ASN A 191 33.99 -4.66 23.52
C ASN A 191 35.46 -4.26 23.15
N SER A 192 35.65 -3.10 22.48
CA SER A 192 36.99 -2.56 22.19
C SER A 192 37.61 -2.13 23.55
N LYS A 193 38.96 -2.03 23.61
CA LYS A 193 39.67 -1.58 24.82
C LYS A 193 39.16 -0.18 25.23
N ARG A 194 38.98 0.73 24.25
CA ARG A 194 38.47 2.08 24.45
C ARG A 194 37.05 2.06 25.15
N MET A 195 36.10 1.34 24.55
CA MET A 195 34.73 1.26 25.11
C MET A 195 34.69 0.53 26.46
N MET A 196 35.45 -0.56 26.64
CA MET A 196 35.50 -1.29 27.92
C MET A 196 36.06 -0.39 29.04
N ASN A 197 37.11 0.39 28.75
N ASN A 197 37.11 0.39 28.73
CA ASN A 197 37.65 1.33 29.73
CA ASN A 197 37.68 1.34 29.69
C ASN A 197 36.64 2.46 30.01
C ASN A 197 36.70 2.49 29.99
N ALA A 198 35.96 2.96 28.97
CA ALA A 198 34.96 4.04 29.14
C ALA A 198 33.81 3.60 30.09
N ILE A 199 33.34 2.34 29.91
CA ILE A 199 32.29 1.73 30.74
C ILE A 199 32.82 1.59 32.18
N LYS A 200 34.05 1.05 32.37
CA LYS A 200 34.70 0.91 33.68
C LYS A 200 34.80 2.28 34.38
N GLU A 201 35.25 3.31 33.65
CA GLU A 201 35.38 4.68 34.18
C GLU A 201 34.04 5.29 34.59
N SER A 202 32.96 5.05 33.80
CA SER A 202 31.62 5.57 34.11
C SER A 202 31.11 5.05 35.48
N TYR A 203 31.52 3.83 35.91
CA TYR A 203 31.17 3.27 37.22
C TYR A 203 31.92 3.92 38.38
N ASP A 204 33.10 4.51 38.12
CA ASP A 204 33.91 5.16 39.14
C ASP A 204 33.52 6.62 39.31
N TYR A 205 32.81 7.19 38.33
CA TYR A 205 32.43 8.59 38.33
C TYR A 205 31.36 8.93 39.35
N ASN A 206 31.59 10.04 40.05
CA ASN A 206 30.64 10.61 40.99
C ASN A 206 30.86 12.12 41.00
N PRO A 207 29.83 12.93 40.62
CA PRO A 207 30.01 14.40 40.63
C PRO A 207 30.20 15.03 42.01
N ASN A 208 29.92 14.31 43.11
CA ASN A 208 30.16 14.85 44.46
C ASN A 208 31.63 14.72 44.86
N LYS A 209 32.45 13.95 44.13
CA LYS A 209 33.85 13.82 44.57
C LYS A 209 34.86 14.54 43.63
N THR A 210 34.35 15.19 42.57
CA THR A 210 35.13 15.97 41.60
C THR A 210 34.34 17.18 41.10
N ASN A 211 35.02 18.28 40.76
CA ASN A 211 34.32 19.40 40.14
C ASN A 211 34.36 19.30 38.59
N ARG A 212 35.02 18.25 38.05
CA ARG A 212 35.17 18.04 36.61
C ARG A 212 34.06 17.14 36.04
N PRO A 213 33.52 17.43 34.83
CA PRO A 213 32.51 16.51 34.28
C PRO A 213 33.11 15.19 33.78
N PHE A 214 32.28 14.17 33.71
CA PHE A 214 32.70 12.89 33.15
C PHE A 214 32.82 13.13 31.64
N ILE A 215 33.88 12.64 31.02
CA ILE A 215 34.03 12.90 29.60
C ILE A 215 33.62 11.67 28.77
N SER A 216 32.56 11.86 27.98
N SER A 216 32.54 11.84 27.98
CA SER A 216 31.99 10.83 27.10
CA SER A 216 31.99 10.81 27.13
C SER A 216 32.93 10.54 25.95
C SER A 216 32.92 10.54 25.95
N GLN A 217 32.95 9.28 25.49
CA GLN A 217 33.73 8.87 24.32
C GLN A 217 32.95 9.38 23.10
N LYS A 218 33.64 9.98 22.13
CA LYS A 218 32.97 10.46 20.91
C LYS A 218 33.41 9.52 19.82
N ILE A 219 32.58 8.50 19.54
CA ILE A 219 32.83 7.45 18.53
C ILE A 219 32.30 7.97 17.20
N HIS A 220 33.23 8.47 16.37
CA HIS A 220 32.91 9.04 15.06
C HIS A 220 32.83 8.00 13.93
N PHE A 221 33.41 6.83 14.12
CA PHE A 221 33.52 5.84 13.06
C PHE A 221 32.94 4.49 13.43
N PRO A 222 31.98 3.98 12.62
CA PRO A 222 31.46 2.62 12.85
C PRO A 222 32.49 1.56 12.40
N ASP A 223 32.32 0.31 12.87
CA ASP A 223 33.15 -0.85 12.57
C ASP A 223 32.76 -1.56 11.27
N PHE A 224 31.65 -1.13 10.68
CA PHE A 224 31.10 -1.66 9.43
C PHE A 224 29.90 -0.80 9.07
N SER A 225 29.66 -0.65 7.77
CA SER A 225 28.52 0.09 7.24
C SER A 225 28.07 -0.48 5.88
N THR A 226 26.77 -0.52 5.64
CA THR A 226 26.16 -0.94 4.39
C THR A 226 24.90 -0.14 4.10
N ARG A 227 24.71 0.15 2.81
CA ARG A 227 23.51 0.79 2.27
C ARG A 227 22.97 -0.16 1.16
N ASP A 228 23.46 -1.42 1.13
CA ASP A 228 23.06 -2.37 0.07
C ASP A 228 21.99 -3.40 0.45
N ILE A 229 21.30 -3.21 1.58
CA ILE A 229 20.26 -4.15 1.98
C ILE A 229 18.87 -3.62 1.55
N HIS A 230 18.55 -2.37 1.93
CA HIS A 230 17.28 -1.73 1.64
C HIS A 230 17.46 -0.46 0.82
N ARG A 231 16.39 0.03 0.18
CA ARG A 231 16.42 1.26 -0.65
C ARG A 231 15.53 2.39 -0.09
N ASN A 232 15.17 2.29 1.20
CA ASN A 232 14.34 3.29 1.90
C ASN A 232 14.71 3.29 3.40
N TYR A 233 13.97 4.07 4.23
CA TYR A 233 14.20 4.17 5.68
C TYR A 233 14.26 2.77 6.32
N VAL A 234 15.32 2.46 7.05
CA VAL A 234 15.42 1.14 7.73
C VAL A 234 14.91 1.44 9.13
N ASP A 235 13.72 0.95 9.48
CA ASP A 235 13.07 1.32 10.76
C ASP A 235 13.06 0.23 11.84
N CYS A 236 13.73 -0.92 11.58
CA CYS A 236 13.82 -1.96 12.61
C CYS A 236 14.99 -2.87 12.31
N VAL A 237 15.81 -3.13 13.34
CA VAL A 237 16.96 -4.00 13.26
C VAL A 237 17.07 -4.87 14.51
N ARG A 238 17.32 -6.17 14.32
CA ARG A 238 17.52 -7.09 15.43
C ARG A 238 18.60 -8.10 15.06
N TRP A 239 19.42 -8.50 16.04
CA TRP A 239 20.40 -9.58 15.83
C TRP A 239 19.68 -10.94 15.98
N LEU A 240 20.13 -11.93 15.20
CA LEU A 240 19.72 -13.33 15.27
C LEU A 240 21.08 -14.08 15.27
N GLY A 241 21.65 -14.25 16.46
CA GLY A 241 23.00 -14.77 16.62
C GLY A 241 23.96 -13.74 16.03
N ASP A 242 24.83 -14.17 15.12
CA ASP A 242 25.77 -13.27 14.41
C ASP A 242 25.12 -12.70 13.11
N LEU A 243 23.87 -13.11 12.84
CA LEU A 243 23.14 -12.62 11.65
C LEU A 243 22.25 -11.45 12.02
N ILE A 244 21.79 -10.70 11.00
N ILE A 244 21.80 -10.69 11.00
CA ILE A 244 20.94 -9.51 11.16
CA ILE A 244 20.93 -9.53 11.15
C ILE A 244 19.62 -9.64 10.42
C ILE A 244 19.59 -9.76 10.46
N LEU A 245 18.53 -9.27 11.11
CA LEU A 245 17.19 -9.18 10.58
C LEU A 245 16.91 -7.66 10.53
N SER A 246 16.57 -7.14 9.36
CA SER A 246 16.24 -5.72 9.24
C SER A 246 15.13 -5.54 8.21
N LYS A 247 14.36 -4.44 8.37
CA LYS A 247 13.27 -4.14 7.46
C LYS A 247 13.21 -2.68 7.15
N SER A 248 12.66 -2.39 5.99
CA SER A 248 12.35 -1.07 5.50
C SER A 248 10.82 -1.09 5.28
N CYS A 249 10.30 -0.24 4.40
CA CYS A 249 8.86 -0.15 4.09
C CYS A 249 8.60 -0.81 2.73
N GLU A 250 9.41 -1.85 2.39
CA GLU A 250 9.40 -2.56 1.12
C GLU A 250 8.78 -3.99 1.21
N ASN A 251 7.92 -4.20 2.23
CA ASN A 251 7.17 -5.42 2.47
C ASN A 251 8.04 -6.69 2.62
N ALA A 252 9.23 -6.54 3.24
CA ALA A 252 10.13 -7.67 3.49
C ALA A 252 11.04 -7.43 4.69
N ILE A 253 11.26 -8.49 5.48
CA ILE A 253 12.27 -8.51 6.55
C ILE A 253 13.42 -9.28 5.89
N VAL A 254 14.61 -8.70 5.86
CA VAL A 254 15.78 -9.29 5.24
C VAL A 254 16.73 -9.90 6.29
N CYS A 255 17.13 -11.16 6.08
CA CYS A 255 18.13 -11.80 6.93
C CYS A 255 19.46 -11.71 6.20
N TRP A 256 20.48 -11.12 6.84
CA TRP A 256 21.76 -10.92 6.17
C TRP A 256 22.93 -10.90 7.13
N LYS A 257 24.16 -10.87 6.60
CA LYS A 257 25.36 -10.75 7.40
C LYS A 257 26.41 -9.88 6.70
N PRO A 258 27.25 -9.13 7.44
CA PRO A 258 28.36 -8.41 6.80
C PRO A 258 29.37 -9.40 6.23
N GLY A 259 30.06 -8.99 5.18
CA GLY A 259 31.08 -9.79 4.52
C GLY A 259 30.53 -10.90 3.65
N LYS A 260 31.44 -11.77 3.21
CA LYS A 260 31.15 -12.94 2.38
C LYS A 260 30.55 -14.04 3.24
N MET A 261 30.05 -15.12 2.61
CA MET A 261 29.37 -16.21 3.30
C MET A 261 30.09 -16.73 4.55
N GLU A 262 31.40 -17.05 4.47
CA GLU A 262 32.17 -17.59 5.59
C GLU A 262 32.83 -16.54 6.49
N ASP A 263 32.69 -15.24 6.18
CA ASP A 263 33.33 -14.19 6.97
C ASP A 263 32.81 -14.11 8.41
N ASP A 264 33.71 -14.27 9.37
CA ASP A 264 33.36 -14.15 10.78
C ASP A 264 33.13 -12.66 11.06
N ILE A 265 32.00 -12.34 11.68
CA ILE A 265 31.61 -10.95 12.02
C ILE A 265 32.67 -10.25 12.88
N ASP A 266 33.40 -10.99 13.72
CA ASP A 266 34.43 -10.38 14.55
C ASP A 266 35.82 -10.30 13.84
N LYS A 267 35.89 -10.72 12.57
CA LYS A 267 37.11 -10.63 11.75
C LYS A 267 36.95 -9.55 10.67
N ILE A 268 35.70 -9.11 10.43
CA ILE A 268 35.26 -8.06 9.50
C ILE A 268 36.03 -6.75 9.78
N LYS A 269 36.66 -6.15 8.74
CA LYS A 269 37.34 -4.86 8.83
C LYS A 269 36.32 -3.74 8.53
N PRO A 270 36.51 -2.49 9.02
CA PRO A 270 35.52 -1.42 8.73
C PRO A 270 35.36 -1.07 7.24
N SER A 271 36.32 -1.46 6.39
CA SER A 271 36.27 -1.22 4.93
C SER A 271 35.51 -2.34 4.19
N GLU A 272 34.99 -3.36 4.92
CA GLU A 272 34.26 -4.48 4.32
C GLU A 272 33.13 -3.97 3.41
N SER A 273 33.23 -4.28 2.12
CA SER A 273 32.27 -3.79 1.13
C SER A 273 31.20 -4.84 0.78
N ASN A 274 31.39 -6.11 1.22
CA ASN A 274 30.44 -7.17 0.93
C ASN A 274 29.39 -7.36 2.03
N VAL A 275 28.22 -7.84 1.62
CA VAL A 275 27.11 -8.28 2.45
C VAL A 275 26.61 -9.58 1.81
N THR A 276 26.05 -10.47 2.62
CA THR A 276 25.49 -11.73 2.11
C THR A 276 24.04 -11.77 2.58
N ILE A 277 23.08 -11.91 1.65
CA ILE A 277 21.66 -12.05 1.96
C ILE A 277 21.41 -13.54 2.16
N LEU A 278 20.85 -13.92 3.30
CA LEU A 278 20.60 -15.32 3.61
C LEU A 278 19.14 -15.74 3.47
N GLY A 279 18.23 -14.78 3.44
CA GLY A 279 16.81 -15.06 3.31
C GLY A 279 15.96 -13.82 3.45
N ARG A 280 14.68 -13.98 3.17
CA ARG A 280 13.69 -12.90 3.20
C ARG A 280 12.36 -13.42 3.71
N PHE A 281 11.70 -12.64 4.56
CA PHE A 281 10.35 -12.92 5.06
C PHE A 281 9.47 -11.92 4.35
N ASP A 282 8.67 -12.39 3.37
CA ASP A 282 7.79 -11.52 2.58
C ASP A 282 6.40 -11.41 3.20
N TYR A 283 5.76 -10.24 3.04
CA TYR A 283 4.41 -9.98 3.54
C TYR A 283 3.77 -8.86 2.70
N SER A 284 2.60 -8.40 3.11
CA SER A 284 1.85 -7.38 2.36
C SER A 284 1.38 -6.24 3.24
N GLN A 285 1.04 -5.10 2.60
CA GLN A 285 0.46 -3.91 3.23
C GLN A 285 1.16 -3.49 4.52
N CYS A 286 2.49 -3.37 4.48
CA CYS A 286 3.28 -2.84 5.57
C CYS A 286 4.39 -1.98 4.93
N ASP A 287 3.93 -1.01 4.11
CA ASP A 287 4.77 -0.13 3.34
C ASP A 287 4.80 1.30 3.87
N ILE A 288 4.31 1.52 5.10
CA ILE A 288 4.35 2.82 5.78
C ILE A 288 5.57 2.85 6.72
N TRP A 289 6.08 4.04 7.05
CA TRP A 289 7.21 4.16 7.97
C TRP A 289 6.73 3.94 9.39
N TYR A 290 7.68 3.51 10.25
CA TYR A 290 7.54 3.29 11.69
C TYR A 290 6.66 2.10 12.03
N MET A 291 7.13 0.92 11.66
CA MET A 291 6.46 -0.38 11.92
C MET A 291 7.54 -1.32 12.41
N ARG A 292 7.38 -1.80 13.63
CA ARG A 292 8.40 -2.64 14.22
C ARG A 292 8.08 -4.09 14.23
N PHE A 293 9.11 -4.93 14.00
CA PHE A 293 8.92 -6.39 14.11
C PHE A 293 9.51 -6.79 15.47
N SER A 294 9.14 -7.96 15.98
N SER A 294 9.14 -7.96 15.96
CA SER A 294 9.69 -8.41 17.25
CA SER A 294 9.63 -8.45 17.25
C SER A 294 9.92 -9.90 17.25
C SER A 294 9.96 -9.92 17.20
N MET A 295 10.80 -10.38 18.14
CA MET A 295 11.11 -11.79 18.32
C MET A 295 10.74 -12.15 19.75
N ASP A 296 10.42 -13.41 19.98
CA ASP A 296 10.16 -13.91 21.32
C ASP A 296 11.54 -14.06 22.02
N PHE A 297 11.54 -14.26 23.33
CA PHE A 297 12.76 -14.38 24.12
C PHE A 297 13.71 -15.45 23.57
N TRP A 298 13.14 -16.56 23.11
CA TRP A 298 13.84 -17.73 22.58
C TRP A 298 14.40 -17.55 21.21
N GLN A 299 13.92 -16.51 20.51
CA GLN A 299 14.27 -16.20 19.13
C GLN A 299 13.92 -17.42 18.24
N LYS A 300 12.73 -17.98 18.46
CA LYS A 300 12.12 -19.10 17.75
C LYS A 300 10.92 -18.61 16.93
N MET A 301 10.40 -17.41 17.25
CA MET A 301 9.26 -16.79 16.57
C MET A 301 9.56 -15.35 16.23
N LEU A 302 9.04 -14.92 15.08
CA LEU A 302 9.18 -13.56 14.56
C LEU A 302 7.75 -13.03 14.29
N ALA A 303 7.43 -11.83 14.79
CA ALA A 303 6.10 -11.22 14.58
C ALA A 303 6.17 -9.81 14.03
N LEU A 304 5.23 -9.47 13.15
CA LEU A 304 5.13 -8.14 12.55
C LEU A 304 3.69 -7.82 12.21
N GLY A 305 3.24 -6.67 12.66
CA GLY A 305 1.91 -6.18 12.36
C GLY A 305 1.94 -5.34 11.09
N ASN A 306 0.84 -5.32 10.35
CA ASN A 306 0.80 -4.53 9.12
C ASN A 306 -0.14 -3.31 9.28
N GLN A 307 -0.22 -2.46 8.25
CA GLN A 307 -0.95 -1.19 8.30
C GLN A 307 -2.49 -1.32 8.34
N VAL A 308 -3.06 -2.53 8.12
CA VAL A 308 -4.52 -2.72 8.15
C VAL A 308 -4.94 -3.71 9.28
N GLY A 309 -4.09 -3.82 10.30
CA GLY A 309 -4.36 -4.66 11.47
C GLY A 309 -4.22 -6.15 11.36
N LYS A 310 -3.48 -6.64 10.38
CA LYS A 310 -3.16 -8.08 10.26
C LYS A 310 -1.82 -8.32 10.96
N LEU A 311 -1.68 -9.47 11.64
CA LEU A 311 -0.48 -9.82 12.40
C LEU A 311 0.19 -11.04 11.78
N TYR A 312 1.39 -10.87 11.22
CA TYR A 312 2.16 -11.96 10.63
C TYR A 312 3.07 -12.58 11.68
N VAL A 313 3.10 -13.93 11.75
CA VAL A 313 3.94 -14.67 12.68
C VAL A 313 4.70 -15.77 11.92
N TRP A 314 6.02 -15.81 12.03
CA TRP A 314 6.87 -16.83 11.39
C TRP A 314 7.60 -17.67 12.44
N ASP A 315 7.74 -18.98 12.15
CA ASP A 315 8.49 -19.94 12.95
C ASP A 315 9.94 -19.91 12.43
N LEU A 316 10.89 -19.43 13.26
CA LEU A 316 12.30 -19.31 12.89
C LEU A 316 13.07 -20.65 12.89
N GLU A 317 12.48 -21.73 13.48
CA GLU A 317 13.08 -23.06 13.55
C GLU A 317 12.50 -24.01 12.49
N CYS A 326 4.70 -19.30 7.54
CA CYS A 326 3.99 -18.10 8.00
C CYS A 326 2.55 -18.43 8.44
N THR A 327 2.00 -17.57 9.32
CA THR A 327 0.63 -17.62 9.86
C THR A 327 0.14 -16.17 9.98
N THR A 328 -1.14 -15.92 9.63
CA THR A 328 -1.70 -14.56 9.71
C THR A 328 -2.85 -14.50 10.72
N LEU A 329 -2.69 -13.66 11.73
CA LEU A 329 -3.68 -13.48 12.79
C LEU A 329 -4.51 -12.23 12.46
N THR A 330 -5.83 -12.43 12.28
CA THR A 330 -6.77 -11.37 11.93
C THR A 330 -7.99 -11.38 12.84
N HIS A 331 -8.59 -10.21 13.04
CA HIS A 331 -9.84 -10.02 13.76
C HIS A 331 -10.61 -8.94 13.01
N HIS A 332 -11.93 -9.13 12.84
CA HIS A 332 -12.80 -8.20 12.10
C HIS A 332 -12.85 -6.78 12.72
N LYS A 333 -12.63 -6.66 14.04
CA LYS A 333 -12.60 -5.37 14.73
C LYS A 333 -11.20 -4.73 14.73
N CYS A 334 -10.15 -5.47 14.28
CA CYS A 334 -8.76 -4.99 14.24
C CYS A 334 -8.39 -4.56 12.80
N GLY A 335 -8.54 -3.26 12.53
CA GLY A 335 -8.29 -2.68 11.20
C GLY A 335 -7.28 -1.55 11.14
N ALA A 336 -6.76 -1.05 12.30
CA ALA A 336 -5.77 0.04 12.31
C ALA A 336 -4.33 -0.52 12.27
N ALA A 337 -3.35 0.31 11.86
CA ALA A 337 -1.95 -0.12 11.79
C ALA A 337 -1.41 -0.65 13.14
N ILE A 338 -0.79 -1.83 13.13
CA ILE A 338 -0.12 -2.44 14.30
C ILE A 338 1.34 -1.95 14.27
N ARG A 339 1.66 -1.00 15.15
CA ARG A 339 2.99 -0.36 15.25
C ARG A 339 4.06 -1.25 15.87
N GLN A 340 3.68 -2.04 16.90
CA GLN A 340 4.60 -2.93 17.61
C GLN A 340 3.83 -4.06 18.30
N THR A 341 4.52 -5.19 18.46
CA THR A 341 4.07 -6.39 19.13
C THR A 341 5.11 -6.79 20.18
N SER A 342 4.68 -7.56 21.18
CA SER A 342 5.59 -8.09 22.19
C SER A 342 5.09 -9.46 22.65
N PHE A 343 6.00 -10.42 22.72
CA PHE A 343 5.69 -11.75 23.25
C PHE A 343 5.99 -11.76 24.74
N SER A 344 5.20 -12.51 25.52
CA SER A 344 5.47 -12.76 26.95
C SER A 344 6.75 -13.63 26.95
N ARG A 345 7.51 -13.67 28.05
CA ARG A 345 8.77 -14.43 28.12
C ARG A 345 8.64 -15.88 27.70
N ASP A 346 7.53 -16.55 28.08
CA ASP A 346 7.26 -17.95 27.76
C ASP A 346 6.65 -18.15 26.36
N SER A 347 6.46 -17.05 25.57
CA SER A 347 5.88 -17.02 24.22
C SER A 347 4.41 -17.53 24.12
N SER A 348 3.73 -17.66 25.26
CA SER A 348 2.33 -18.11 25.31
C SER A 348 1.36 -16.97 24.94
N ILE A 349 1.82 -15.70 25.09
CA ILE A 349 1.02 -14.48 24.84
C ILE A 349 1.73 -13.54 23.88
N LEU A 350 0.96 -13.02 22.91
CA LEU A 350 1.44 -12.02 21.96
C LEU A 350 0.46 -10.85 22.02
N ILE A 351 1.00 -9.67 22.34
CA ILE A 351 0.22 -8.43 22.43
C ILE A 351 0.57 -7.55 21.21
N ALA A 352 -0.45 -6.98 20.56
CA ALA A 352 -0.30 -6.05 19.44
C ALA A 352 -0.94 -4.71 19.84
N VAL A 353 -0.27 -3.61 19.53
CA VAL A 353 -0.77 -2.26 19.83
C VAL A 353 -0.93 -1.49 18.51
N CYS A 354 -1.95 -0.62 18.43
CA CYS A 354 -2.40 0.03 17.20
C CYS A 354 -2.49 1.56 17.21
N ASP A 355 -2.65 2.13 15.98
CA ASP A 355 -2.83 3.55 15.73
C ASP A 355 -4.10 4.14 16.33
N ASP A 356 -5.13 3.31 16.57
CA ASP A 356 -6.41 3.77 17.15
C ASP A 356 -6.47 3.57 18.69
N ALA A 357 -5.28 3.45 19.34
CA ALA A 357 -5.08 3.22 20.81
C ALA A 357 -5.57 1.84 21.28
N SER A 358 -5.78 0.91 20.34
CA SER A 358 -6.25 -0.42 20.70
C SER A 358 -5.12 -1.40 20.99
N ILE A 359 -5.38 -2.33 21.94
CA ILE A 359 -4.46 -3.36 22.42
C ILE A 359 -5.13 -4.70 22.13
N TRP A 360 -4.39 -5.65 21.54
CA TRP A 360 -4.92 -6.96 21.18
C TRP A 360 -4.09 -8.08 21.82
N ARG A 361 -4.77 -9.01 22.48
CA ARG A 361 -4.15 -10.16 23.14
C ARG A 361 -4.44 -11.45 22.39
N TRP A 362 -3.37 -12.12 21.96
CA TRP A 362 -3.38 -13.38 21.24
C TRP A 362 -2.68 -14.44 22.11
N ASP A 363 -3.42 -15.54 22.42
CA ASP A 363 -2.90 -16.64 23.22
C ASP A 363 -2.64 -17.88 22.37
N ARG A 364 -1.49 -18.53 22.58
CA ARG A 364 -1.06 -19.73 21.86
C ARG A 364 -1.89 -20.94 22.24
N SER B 6 -5.17 -13.76 -5.05
CA SER B 6 -3.78 -13.63 -4.62
C SER B 6 -2.88 -13.04 -5.72
N PHE B 7 -2.52 -11.75 -5.58
CA PHE B 7 -1.69 -11.06 -6.55
C PHE B 7 -0.38 -10.54 -5.96
N LYS B 8 0.69 -10.62 -6.76
CA LYS B 8 2.02 -10.13 -6.39
C LYS B 8 2.50 -9.17 -7.49
N CYS B 9 3.07 -8.03 -7.09
CA CYS B 9 3.62 -7.06 -8.03
C CYS B 9 4.96 -7.63 -8.53
N VAL B 10 5.02 -7.98 -9.84
CA VAL B 10 6.19 -8.59 -10.45
C VAL B 10 7.05 -7.59 -11.25
N ASN B 11 6.44 -6.48 -11.69
CA ASN B 11 7.14 -5.49 -12.51
C ASN B 11 6.43 -4.13 -12.53
N SER B 12 7.19 -3.10 -12.94
CA SER B 12 6.72 -1.73 -13.11
C SER B 12 7.69 -0.97 -14.01
N LEU B 13 7.15 0.04 -14.73
CA LEU B 13 7.94 0.91 -15.60
C LEU B 13 7.28 2.26 -15.72
N LYS B 14 8.03 3.26 -16.17
CA LYS B 14 7.51 4.62 -16.33
C LYS B 14 7.73 5.05 -17.77
N GLU B 15 6.66 5.54 -18.43
CA GLU B 15 6.77 6.01 -19.81
C GLU B 15 7.48 7.36 -19.79
N ASP B 16 8.48 7.53 -20.69
CA ASP B 16 9.37 8.69 -20.77
C ASP B 16 8.67 10.04 -20.94
N HIS B 17 7.42 10.06 -21.46
CA HIS B 17 6.69 11.32 -21.66
C HIS B 17 6.29 12.00 -20.33
N ASN B 18 6.21 11.21 -19.23
CA ASN B 18 5.88 11.66 -17.87
C ASN B 18 4.47 12.29 -17.73
N GLN B 19 3.57 12.01 -18.67
CA GLN B 19 2.20 12.51 -18.65
C GLN B 19 1.27 11.42 -18.12
N PRO B 20 0.08 11.77 -17.56
CA PRO B 20 -0.82 10.72 -17.06
C PRO B 20 -1.23 9.70 -18.11
N LEU B 21 -1.36 8.45 -17.69
CA LEU B 21 -1.88 7.40 -18.55
C LEU B 21 -3.35 7.26 -18.15
N PHE B 22 -4.26 7.46 -19.11
CA PHE B 22 -5.71 7.43 -18.84
C PHE B 22 -6.40 6.14 -19.22
N GLY B 23 -5.76 5.35 -20.07
CA GLY B 23 -6.34 4.11 -20.54
C GLY B 23 -5.37 2.95 -20.66
N VAL B 24 -5.88 1.75 -20.42
CA VAL B 24 -5.15 0.49 -20.55
C VAL B 24 -6.14 -0.62 -20.92
N GLN B 25 -5.78 -1.40 -21.95
CA GLN B 25 -6.58 -2.54 -22.39
C GLN B 25 -5.69 -3.69 -22.85
N PHE B 26 -5.92 -4.88 -22.27
CA PHE B 26 -5.32 -6.09 -22.79
C PHE B 26 -6.09 -6.43 -24.05
N ASN B 27 -5.43 -7.04 -25.04
CA ASN B 27 -6.13 -7.49 -26.23
C ASN B 27 -6.77 -8.84 -25.86
N TRP B 28 -8.12 -8.89 -25.77
CA TRP B 28 -8.82 -10.14 -25.45
C TRP B 28 -9.10 -10.99 -26.69
N HIS B 29 -8.67 -10.53 -27.88
CA HIS B 29 -8.88 -11.23 -29.15
C HIS B 29 -7.70 -12.13 -29.57
N SER B 30 -6.90 -12.65 -28.60
CA SER B 30 -5.77 -13.54 -28.88
C SER B 30 -6.02 -14.97 -28.35
N LYS B 31 -5.53 -15.98 -29.08
CA LYS B 31 -5.69 -17.39 -28.69
C LYS B 31 -4.77 -17.76 -27.50
N GLU B 32 -5.01 -18.94 -26.87
CA GLU B 32 -4.17 -19.42 -25.78
C GLU B 32 -2.83 -19.83 -26.41
N GLY B 33 -1.74 -19.34 -25.83
CA GLY B 33 -0.40 -19.56 -26.35
C GLY B 33 0.09 -18.41 -27.22
N ASP B 34 -0.84 -17.51 -27.61
CA ASP B 34 -0.52 -16.33 -28.42
C ASP B 34 0.03 -15.21 -27.52
N PRO B 35 0.78 -14.21 -28.08
CA PRO B 35 1.34 -13.13 -27.23
C PRO B 35 0.33 -12.35 -26.40
N LEU B 36 0.62 -12.18 -25.09
CA LEU B 36 -0.22 -11.41 -24.19
C LEU B 36 0.15 -9.94 -24.38
N VAL B 37 -0.69 -9.21 -25.10
CA VAL B 37 -0.41 -7.81 -25.45
C VAL B 37 -1.43 -6.87 -24.81
N PHE B 38 -0.95 -5.73 -24.30
CA PHE B 38 -1.80 -4.66 -23.79
C PHE B 38 -1.38 -3.30 -24.39
N ALA B 39 -2.34 -2.38 -24.49
CA ALA B 39 -2.13 -1.02 -24.97
C ALA B 39 -2.32 -0.05 -23.84
N THR B 40 -1.52 1.02 -23.82
CA THR B 40 -1.65 2.13 -22.87
C THR B 40 -1.84 3.40 -23.70
N VAL B 41 -2.59 4.36 -23.16
CA VAL B 41 -2.85 5.65 -23.82
C VAL B 41 -2.75 6.77 -22.81
N GLY B 42 -2.30 7.92 -23.26
CA GLY B 42 -2.16 9.13 -22.46
C GLY B 42 -1.38 10.11 -23.27
N SER B 43 -1.65 11.44 -23.09
CA SER B 43 -1.00 12.54 -23.84
C SER B 43 -1.27 12.26 -25.33
N ASN B 44 -0.29 12.43 -26.23
CA ASN B 44 -0.50 12.11 -27.65
C ASN B 44 0.16 10.74 -27.96
N ARG B 45 0.17 9.84 -26.98
CA ARG B 45 0.86 8.55 -27.12
C ARG B 45 -0.01 7.31 -26.99
N VAL B 46 0.28 6.28 -27.82
CA VAL B 46 -0.34 4.94 -27.76
C VAL B 46 0.84 3.97 -27.74
N THR B 47 0.92 3.11 -26.72
CA THR B 47 2.05 2.18 -26.59
C THR B 47 1.59 0.75 -26.41
N LEU B 48 2.20 -0.17 -27.16
CA LEU B 48 1.90 -1.60 -27.07
C LEU B 48 3.00 -2.31 -26.33
N TYR B 49 2.61 -3.21 -25.42
CA TYR B 49 3.54 -3.99 -24.62
C TYR B 49 3.16 -5.45 -24.67
N GLU B 50 4.18 -6.32 -24.55
CA GLU B 50 3.98 -7.76 -24.49
C GLU B 50 4.37 -8.26 -23.09
N CYS B 51 3.52 -9.11 -22.51
CA CYS B 51 3.76 -9.73 -21.21
C CYS B 51 4.39 -11.09 -21.42
N HIS B 52 5.54 -11.30 -20.80
CA HIS B 52 6.27 -12.56 -20.87
C HIS B 52 6.35 -13.16 -19.47
N SER B 53 6.85 -14.41 -19.38
CA SER B 53 7.01 -15.11 -18.12
C SER B 53 8.02 -14.39 -17.21
N GLN B 54 7.97 -14.69 -15.90
CA GLN B 54 8.84 -14.13 -14.86
C GLN B 54 8.72 -12.58 -14.76
N GLY B 55 7.49 -12.10 -14.97
CA GLY B 55 7.14 -10.69 -14.88
C GLY B 55 7.70 -9.76 -15.94
N GLU B 56 8.34 -10.29 -16.99
CA GLU B 56 8.93 -9.49 -18.08
C GLU B 56 7.88 -8.74 -18.92
N ILE B 57 8.12 -7.45 -19.15
CA ILE B 57 7.31 -6.59 -19.99
C ILE B 57 8.25 -6.10 -21.10
N ARG B 58 7.84 -6.33 -22.35
CA ARG B 58 8.60 -5.96 -23.53
C ARG B 58 7.85 -4.87 -24.28
N LEU B 59 8.53 -3.77 -24.58
CA LEU B 59 7.99 -2.66 -25.36
C LEU B 59 7.96 -3.12 -26.82
N LEU B 60 6.77 -3.12 -27.45
CA LEU B 60 6.63 -3.57 -28.84
C LEU B 60 6.74 -2.42 -29.81
N GLN B 61 5.81 -1.46 -29.72
CA GLN B 61 5.78 -0.30 -30.61
C GLN B 61 5.08 0.85 -29.95
N SER B 62 5.42 2.07 -30.41
CA SER B 62 4.84 3.31 -29.90
C SER B 62 4.32 4.15 -31.05
N TYR B 63 3.10 4.64 -30.91
CA TYR B 63 2.48 5.54 -31.86
C TYR B 63 2.50 6.91 -31.20
N VAL B 64 3.01 7.90 -31.91
CA VAL B 64 3.06 9.28 -31.44
C VAL B 64 2.19 10.07 -32.41
N ASP B 65 1.10 10.68 -31.90
CA ASP B 65 0.19 11.46 -32.73
C ASP B 65 0.90 12.71 -33.25
N ALA B 66 0.65 13.07 -34.53
CA ALA B 66 1.22 14.26 -35.17
C ALA B 66 0.84 15.56 -34.42
N ASP B 67 -0.29 15.56 -33.71
CA ASP B 67 -0.80 16.69 -32.94
C ASP B 67 -0.38 16.58 -31.46
N ALA B 68 0.51 17.48 -31.02
CA ALA B 68 1.02 17.54 -29.65
C ALA B 68 -0.06 17.87 -28.61
N ASP B 69 -1.13 18.59 -29.02
CA ASP B 69 -2.24 18.96 -28.12
C ASP B 69 -3.29 17.85 -27.93
N GLU B 70 -3.12 16.69 -28.58
CA GLU B 70 -4.03 15.55 -28.41
C GLU B 70 -3.78 14.90 -27.05
N ASN B 71 -4.86 14.59 -26.32
CA ASN B 71 -4.77 13.88 -25.04
C ASN B 71 -5.70 12.67 -25.09
N PHE B 72 -5.13 11.49 -25.44
CA PHE B 72 -5.85 10.22 -25.55
C PHE B 72 -6.44 9.81 -24.20
N TYR B 73 -7.74 9.55 -24.18
CA TYR B 73 -8.50 9.18 -22.98
C TYR B 73 -8.91 7.72 -22.93
N THR B 74 -8.97 7.07 -24.08
CA THR B 74 -9.54 5.74 -24.20
C THR B 74 -8.98 4.99 -25.39
N CYS B 75 -9.05 3.67 -25.30
CA CYS B 75 -8.70 2.78 -26.39
C CYS B 75 -9.55 1.54 -26.25
N ALA B 76 -9.69 0.79 -27.36
CA ALA B 76 -10.47 -0.43 -27.43
C ALA B 76 -9.97 -1.27 -28.60
N TRP B 77 -9.83 -2.57 -28.36
CA TRP B 77 -9.38 -3.50 -29.37
C TRP B 77 -10.54 -4.07 -30.17
N THR B 78 -10.27 -4.36 -31.43
CA THR B 78 -11.16 -5.09 -32.30
C THR B 78 -10.28 -5.97 -33.19
N TYR B 79 -10.89 -6.59 -34.19
CA TYR B 79 -10.20 -7.40 -35.17
C TYR B 79 -10.91 -7.21 -36.50
N ASP B 80 -10.18 -7.41 -37.58
CA ASP B 80 -10.71 -7.36 -38.94
C ASP B 80 -11.40 -8.73 -39.11
N SER B 81 -12.74 -8.76 -39.33
CA SER B 81 -13.49 -10.03 -39.45
C SER B 81 -12.96 -10.99 -40.53
N ASN B 82 -12.42 -10.44 -41.65
CA ASN B 82 -11.89 -11.20 -42.79
C ASN B 82 -10.58 -11.95 -42.53
N THR B 83 -9.66 -11.36 -41.74
CA THR B 83 -8.32 -11.93 -41.50
C THR B 83 -8.04 -12.32 -40.05
N SER B 84 -8.89 -11.86 -39.10
CA SER B 84 -8.74 -12.01 -37.65
C SER B 84 -7.57 -11.18 -37.09
N HIS B 85 -6.98 -10.29 -37.93
CA HIS B 85 -5.87 -9.41 -37.53
C HIS B 85 -6.36 -8.34 -36.54
N PRO B 86 -5.67 -8.15 -35.38
CA PRO B 86 -6.13 -7.17 -34.39
C PRO B 86 -6.02 -5.73 -34.88
N LEU B 87 -6.90 -4.87 -34.37
CA LEU B 87 -6.95 -3.45 -34.68
C LEU B 87 -7.19 -2.69 -33.38
N LEU B 88 -6.66 -1.48 -33.28
CA LEU B 88 -6.82 -0.71 -32.07
C LEU B 88 -7.43 0.66 -32.37
N ALA B 89 -8.53 0.98 -31.66
CA ALA B 89 -9.19 2.27 -31.82
C ALA B 89 -8.81 3.16 -30.64
N VAL B 90 -8.42 4.40 -30.91
CA VAL B 90 -8.04 5.34 -29.86
C VAL B 90 -8.74 6.66 -30.12
N ALA B 91 -9.00 7.39 -29.04
CA ALA B 91 -9.64 8.71 -29.08
C ALA B 91 -9.38 9.44 -27.78
N GLY B 92 -9.57 10.75 -27.83
CA GLY B 92 -9.39 11.62 -26.68
C GLY B 92 -9.98 12.99 -26.83
N SER B 93 -9.27 13.98 -26.27
CA SER B 93 -9.66 15.39 -26.21
C SER B 93 -9.94 16.07 -27.57
N ARG B 94 -9.27 15.62 -28.65
CA ARG B 94 -9.47 16.20 -29.98
C ARG B 94 -10.77 15.76 -30.68
N GLY B 95 -11.39 14.68 -30.20
CA GLY B 95 -12.63 14.14 -30.75
C GLY B 95 -12.47 13.41 -32.06
N ILE B 96 -11.25 12.94 -32.36
CA ILE B 96 -10.94 12.16 -33.54
C ILE B 96 -10.74 10.68 -33.15
N ILE B 97 -11.42 9.78 -33.86
CA ILE B 97 -11.23 8.34 -33.65
C ILE B 97 -10.11 7.92 -34.62
N ARG B 98 -9.07 7.30 -34.09
CA ARG B 98 -7.99 6.78 -34.91
C ARG B 98 -7.99 5.25 -34.81
N ILE B 99 -7.91 4.57 -35.98
CA ILE B 99 -7.83 3.12 -36.10
C ILE B 99 -6.39 2.81 -36.47
N ILE B 100 -5.68 2.19 -35.54
CA ILE B 100 -4.27 1.86 -35.68
C ILE B 100 -4.07 0.38 -35.98
N ASN B 101 -3.20 0.07 -36.96
CA ASN B 101 -2.75 -1.28 -37.29
C ASN B 101 -1.69 -1.57 -36.23
N PRO B 102 -1.91 -2.49 -35.26
CA PRO B 102 -0.91 -2.71 -34.20
C PRO B 102 0.41 -3.37 -34.63
N ILE B 103 0.44 -3.98 -35.83
CA ILE B 103 1.64 -4.65 -36.36
C ILE B 103 2.69 -3.61 -36.76
N THR B 104 2.25 -2.57 -37.50
CA THR B 104 3.09 -1.47 -37.99
C THR B 104 3.01 -0.22 -37.10
N MET B 105 1.97 -0.17 -36.21
CA MET B 105 1.65 0.95 -35.31
C MET B 105 1.33 2.25 -36.10
N GLN B 106 0.80 2.05 -37.31
CA GLN B 106 0.40 3.10 -38.24
C GLN B 106 -1.13 3.30 -38.23
N CYS B 107 -1.57 4.55 -38.48
CA CYS B 107 -2.98 4.93 -38.54
C CYS B 107 -3.58 4.58 -39.91
N ILE B 108 -4.46 3.55 -39.92
CA ILE B 108 -5.16 3.02 -41.10
C ILE B 108 -6.28 3.96 -41.52
N LYS B 109 -7.10 4.35 -40.53
CA LYS B 109 -8.32 5.12 -40.68
C LYS B 109 -8.45 6.12 -39.54
N HIS B 110 -9.10 7.25 -39.83
CA HIS B 110 -9.45 8.25 -38.84
C HIS B 110 -10.76 8.85 -39.24
N TYR B 111 -11.39 9.51 -38.31
CA TYR B 111 -12.60 10.23 -38.62
C TYR B 111 -12.96 11.14 -37.49
N VAL B 112 -13.42 12.34 -37.86
CA VAL B 112 -13.87 13.37 -36.93
C VAL B 112 -15.14 12.80 -36.30
N GLY B 113 -14.92 12.01 -35.24
CA GLY B 113 -15.93 11.32 -34.44
C GLY B 113 -16.98 12.28 -33.93
N HIS B 114 -16.54 13.29 -33.18
CA HIS B 114 -17.41 14.31 -32.61
C HIS B 114 -16.72 15.67 -32.71
N GLY B 115 -17.50 16.74 -32.53
CA GLY B 115 -16.99 18.11 -32.56
C GLY B 115 -16.19 18.44 -31.32
N ASN B 116 -16.25 17.54 -30.29
CA ASN B 116 -15.54 17.65 -29.02
C ASN B 116 -15.03 16.31 -28.51
N ALA B 117 -14.30 16.34 -27.40
CA ALA B 117 -13.66 15.20 -26.75
C ALA B 117 -14.49 13.90 -26.71
N ILE B 118 -13.81 12.77 -26.98
CA ILE B 118 -14.40 11.44 -26.85
C ILE B 118 -13.86 10.88 -25.53
N ASN B 119 -14.79 10.57 -24.60
CA ASN B 119 -14.46 10.06 -23.27
C ASN B 119 -14.31 8.58 -23.18
N GLU B 120 -14.96 7.78 -24.05
CA GLU B 120 -14.89 6.30 -24.05
C GLU B 120 -15.26 5.74 -25.42
N LEU B 121 -14.59 4.65 -25.78
CA LEU B 121 -14.80 3.86 -26.98
C LEU B 121 -15.08 2.42 -26.53
N LYS B 122 -16.09 1.78 -27.12
CA LYS B 122 -16.43 0.37 -26.87
C LYS B 122 -16.84 -0.31 -28.15
N PHE B 123 -16.32 -1.51 -28.41
CA PHE B 123 -16.71 -2.30 -29.57
C PHE B 123 -17.86 -3.20 -29.18
N HIS B 124 -18.81 -3.36 -30.11
CA HIS B 124 -19.95 -4.26 -29.93
C HIS B 124 -19.40 -5.71 -29.66
N PRO B 125 -19.91 -6.43 -28.63
CA PRO B 125 -19.36 -7.77 -28.30
C PRO B 125 -19.60 -8.87 -29.34
N ARG B 126 -20.56 -8.67 -30.28
CA ARG B 126 -20.88 -9.65 -31.34
C ARG B 126 -20.71 -9.11 -32.79
N ASP B 127 -20.24 -7.87 -32.91
CA ASP B 127 -19.92 -7.28 -34.20
C ASP B 127 -18.68 -6.41 -34.07
N PRO B 128 -17.52 -6.95 -34.54
CA PRO B 128 -16.25 -6.21 -34.42
C PRO B 128 -16.17 -4.91 -35.22
N ASN B 129 -17.10 -4.68 -36.16
CA ASN B 129 -17.12 -3.45 -36.96
C ASN B 129 -17.93 -2.32 -36.30
N LEU B 130 -18.69 -2.62 -35.23
CA LEU B 130 -19.56 -1.65 -34.56
C LEU B 130 -18.90 -1.01 -33.36
N LEU B 131 -18.52 0.26 -33.54
CA LEU B 131 -17.82 1.05 -32.56
C LEU B 131 -18.72 2.11 -31.97
N LEU B 132 -18.79 2.12 -30.66
CA LEU B 132 -19.54 3.10 -29.88
C LEU B 132 -18.58 4.15 -29.31
N SER B 133 -18.90 5.44 -29.53
CA SER B 133 -18.11 6.54 -28.94
C SER B 133 -19.07 7.37 -28.08
N VAL B 134 -18.56 7.88 -26.96
CA VAL B 134 -19.30 8.75 -26.02
C VAL B 134 -18.55 10.04 -25.92
N SER B 135 -19.26 11.16 -25.99
CA SER B 135 -18.58 12.40 -26.11
C SER B 135 -18.99 13.51 -25.15
N LYS B 136 -18.11 14.49 -25.06
CA LYS B 136 -18.26 15.76 -24.36
C LYS B 136 -19.47 16.55 -24.95
N ASP B 137 -19.83 16.29 -26.22
CA ASP B 137 -20.95 16.98 -26.87
C ASP B 137 -22.36 16.46 -26.43
N HIS B 138 -22.45 15.61 -25.39
CA HIS B 138 -23.68 15.05 -24.78
C HIS B 138 -24.29 13.86 -25.54
N ALA B 139 -23.60 13.39 -26.57
CA ALA B 139 -24.10 12.32 -27.41
C ALA B 139 -23.23 11.08 -27.44
N LEU B 140 -23.87 9.97 -27.83
CA LEU B 140 -23.25 8.70 -28.12
C LEU B 140 -23.38 8.54 -29.63
N ARG B 141 -22.38 7.93 -30.26
CA ARG B 141 -22.39 7.65 -31.70
C ARG B 141 -22.01 6.19 -31.94
N LEU B 142 -22.78 5.52 -32.80
CA LEU B 142 -22.53 4.14 -33.20
C LEU B 142 -22.05 4.17 -34.66
N TRP B 143 -20.82 3.71 -34.89
CA TRP B 143 -20.14 3.70 -36.17
C TRP B 143 -19.98 2.28 -36.70
N ASN B 144 -20.05 2.15 -38.01
CA ASN B 144 -19.74 0.90 -38.70
C ASN B 144 -18.38 1.21 -39.36
N ILE B 145 -17.28 0.69 -38.79
CA ILE B 145 -15.94 0.97 -39.31
C ILE B 145 -15.58 0.14 -40.54
N GLN B 146 -16.42 -0.83 -40.96
CA GLN B 146 -16.16 -1.59 -42.16
C GLN B 146 -16.61 -0.73 -43.36
N THR B 147 -17.76 -0.03 -43.24
CA THR B 147 -18.28 0.80 -44.32
C THR B 147 -18.08 2.31 -44.09
N ASP B 148 -17.39 2.71 -42.99
CA ASP B 148 -17.14 4.13 -42.62
C ASP B 148 -18.47 4.90 -42.57
N THR B 149 -19.46 4.32 -41.89
CA THR B 149 -20.78 4.93 -41.81
C THR B 149 -21.16 5.19 -40.38
N LEU B 150 -21.86 6.29 -40.18
CA LEU B 150 -22.41 6.63 -38.88
C LEU B 150 -23.80 5.98 -38.83
N VAL B 151 -23.94 4.93 -38.03
CA VAL B 151 -25.20 4.17 -37.93
C VAL B 151 -26.27 4.95 -37.20
N ALA B 152 -25.91 5.48 -36.01
CA ALA B 152 -26.87 6.18 -35.16
C ALA B 152 -26.22 7.19 -34.22
N ILE B 153 -27.01 8.19 -33.85
CA ILE B 153 -26.64 9.22 -32.88
C ILE B 153 -27.67 9.16 -31.76
N PHE B 154 -27.19 8.99 -30.53
CA PHE B 154 -28.03 8.87 -29.34
C PHE B 154 -27.86 10.15 -28.51
N GLY B 155 -28.85 11.01 -28.63
CA GLY B 155 -28.93 12.33 -27.98
C GLY B 155 -30.11 13.13 -28.46
N GLY B 156 -30.46 14.16 -27.71
CA GLY B 156 -31.60 15.01 -28.02
C GLY B 156 -32.33 15.40 -26.76
N VAL B 157 -33.63 15.73 -26.90
CA VAL B 157 -34.48 16.24 -25.80
C VAL B 157 -34.40 15.35 -24.55
N GLU B 158 -34.39 14.02 -24.72
CA GLU B 158 -34.30 13.13 -23.56
C GLU B 158 -32.94 12.45 -23.44
N GLY B 159 -31.97 12.92 -24.24
CA GLY B 159 -30.61 12.39 -24.16
C GLY B 159 -29.88 13.03 -22.99
N HIS B 160 -28.57 12.76 -22.85
CA HIS B 160 -27.78 13.38 -21.80
C HIS B 160 -27.77 14.91 -21.95
N ARG B 161 -27.80 15.61 -20.80
CA ARG B 161 -27.84 17.10 -20.78
C ARG B 161 -26.46 17.69 -20.53
N ASP B 162 -25.44 16.83 -20.46
CA ASP B 162 -24.05 17.24 -20.24
C ASP B 162 -23.17 16.09 -20.82
N GLU B 163 -21.84 16.23 -20.74
CA GLU B 163 -20.86 15.24 -21.20
C GLU B 163 -21.19 13.80 -20.86
N VAL B 164 -21.03 12.91 -21.84
CA VAL B 164 -21.17 11.47 -21.60
C VAL B 164 -19.74 10.98 -21.25
N LEU B 165 -19.61 10.35 -20.09
CA LEU B 165 -18.30 9.89 -19.58
C LEU B 165 -17.99 8.42 -19.81
N SER B 166 -19.04 7.60 -19.86
CA SER B 166 -18.88 6.16 -20.00
C SER B 166 -20.13 5.53 -20.60
N ALA B 167 -19.94 4.36 -21.20
CA ALA B 167 -21.03 3.51 -21.70
C ALA B 167 -20.56 2.07 -21.78
N ASP B 168 -21.51 1.13 -21.79
CA ASP B 168 -21.19 -0.27 -21.91
C ASP B 168 -22.33 -1.00 -22.62
N TYR B 169 -21.96 -1.95 -23.45
CA TYR B 169 -22.93 -2.83 -24.10
C TYR B 169 -23.18 -3.98 -23.10
N ASP B 170 -24.41 -4.54 -23.10
CA ASP B 170 -24.71 -5.73 -22.30
C ASP B 170 -23.99 -6.94 -23.03
N LEU B 171 -24.12 -8.15 -22.48
CA LEU B 171 -23.43 -9.36 -22.99
C LEU B 171 -23.59 -9.58 -24.51
N LEU B 172 -24.82 -9.48 -25.03
CA LEU B 172 -25.03 -9.72 -26.46
C LEU B 172 -24.97 -8.49 -27.32
N GLY B 173 -24.87 -7.31 -26.72
CA GLY B 173 -24.87 -6.08 -27.50
C GLY B 173 -26.27 -5.78 -28.03
N GLU B 174 -27.31 -6.11 -27.25
CA GLU B 174 -28.71 -5.83 -27.55
C GLU B 174 -29.07 -4.46 -26.96
N LYS B 175 -28.31 -3.98 -25.99
CA LYS B 175 -28.57 -2.69 -25.33
C LYS B 175 -27.31 -2.05 -24.75
N ILE B 176 -27.38 -0.73 -24.58
CA ILE B 176 -26.28 0.09 -24.05
C ILE B 176 -26.75 0.83 -22.82
N MET B 177 -25.89 0.91 -21.80
CA MET B 177 -26.16 1.79 -20.66
C MET B 177 -25.06 2.88 -20.74
N SER B 178 -25.45 4.15 -20.70
CA SER B 178 -24.50 5.28 -20.75
C SER B 178 -24.68 6.10 -19.49
N CYS B 179 -23.67 6.94 -19.18
CA CYS B 179 -23.67 7.78 -17.99
C CYS B 179 -22.78 8.98 -18.18
N GLY B 180 -23.03 10.04 -17.39
CA GLY B 180 -22.18 11.22 -17.46
C GLY B 180 -22.30 12.22 -16.33
N MET B 181 -21.89 13.46 -16.66
CA MET B 181 -21.84 14.64 -15.81
C MET B 181 -23.21 15.09 -15.35
N ASP B 182 -24.29 14.71 -16.07
CA ASP B 182 -25.65 15.08 -15.67
C ASP B 182 -26.16 14.18 -14.52
N HIS B 183 -25.29 13.29 -13.96
CA HIS B 183 -25.60 12.35 -12.85
C HIS B 183 -26.56 11.23 -13.31
N SER B 184 -26.91 11.19 -14.60
CA SER B 184 -27.88 10.20 -15.05
C SER B 184 -27.26 9.00 -15.72
N LEU B 185 -28.01 7.89 -15.69
CA LEU B 185 -27.71 6.64 -16.35
C LEU B 185 -28.88 6.37 -17.30
N LYS B 186 -28.56 6.18 -18.59
CA LYS B 186 -29.58 5.98 -19.63
C LYS B 186 -29.37 4.69 -20.40
N LEU B 187 -30.49 4.01 -20.65
CA LEU B 187 -30.54 2.77 -21.39
C LEU B 187 -30.96 3.02 -22.83
N TRP B 188 -30.24 2.44 -23.79
CA TRP B 188 -30.56 2.58 -25.22
C TRP B 188 -30.58 1.16 -25.83
N ARG B 189 -31.76 0.69 -26.25
CA ARG B 189 -31.91 -0.64 -26.87
C ARG B 189 -31.49 -0.56 -28.32
N ILE B 190 -30.63 -1.49 -28.76
CA ILE B 190 -30.19 -1.48 -30.16
C ILE B 190 -30.63 -2.77 -30.89
N ASN B 191 -31.54 -3.53 -30.25
CA ASN B 191 -32.13 -4.76 -30.78
C ASN B 191 -33.57 -4.49 -31.24
N SER B 192 -34.00 -3.21 -31.26
CA SER B 192 -35.32 -2.86 -31.79
C SER B 192 -35.25 -3.08 -33.32
N LYS B 193 -36.43 -3.25 -33.98
CA LYS B 193 -36.51 -3.43 -35.45
C LYS B 193 -35.79 -2.26 -36.15
N ARG B 194 -35.98 -1.03 -35.62
CA ARG B 194 -35.40 0.21 -36.12
C ARG B 194 -33.88 0.15 -36.18
N MET B 195 -33.22 -0.14 -35.03
CA MET B 195 -31.77 -0.23 -34.90
C MET B 195 -31.17 -1.44 -35.65
N MET B 196 -31.87 -2.62 -35.65
CA MET B 196 -31.38 -3.81 -36.38
C MET B 196 -31.36 -3.55 -37.88
N ASN B 197 -32.42 -2.91 -38.41
CA ASN B 197 -32.48 -2.53 -39.82
C ASN B 197 -31.40 -1.49 -40.13
N ALA B 198 -31.13 -0.51 -39.20
CA ALA B 198 -30.10 0.53 -39.42
C ALA B 198 -28.71 -0.10 -39.54
N ILE B 199 -28.40 -1.08 -38.67
CA ILE B 199 -27.12 -1.81 -38.68
C ILE B 199 -26.98 -2.59 -40.00
N LYS B 200 -28.03 -3.35 -40.38
CA LYS B 200 -28.05 -4.12 -41.64
C LYS B 200 -27.84 -3.18 -42.85
N GLU B 201 -28.56 -2.04 -42.87
CA GLU B 201 -28.45 -1.04 -43.94
C GLU B 201 -27.06 -0.39 -44.00
N SER B 202 -26.38 -0.16 -42.84
CA SER B 202 -25.02 0.43 -42.83
C SER B 202 -24.01 -0.45 -43.57
N TYR B 203 -24.24 -1.77 -43.62
CA TYR B 203 -23.39 -2.72 -44.35
C TYR B 203 -23.59 -2.67 -45.86
N ASP B 204 -24.77 -2.22 -46.32
CA ASP B 204 -25.12 -2.15 -47.73
C ASP B 204 -24.72 -0.80 -48.32
N ARG B 212 -33.92 5.48 -51.87
CA ARG B 212 -33.61 6.16 -50.62
C ARG B 212 -32.18 5.87 -50.14
N PRO B 213 -31.32 6.92 -50.01
CA PRO B 213 -29.94 6.71 -49.51
C PRO B 213 -29.92 6.26 -48.04
N PHE B 214 -28.74 5.87 -47.54
CA PHE B 214 -28.59 5.53 -46.13
C PHE B 214 -28.71 6.82 -45.32
N ILE B 215 -29.54 6.80 -44.28
CA ILE B 215 -29.74 7.94 -43.38
C ILE B 215 -29.44 7.44 -41.96
N SER B 216 -28.55 8.15 -41.22
CA SER B 216 -28.22 7.83 -39.81
C SER B 216 -29.46 7.94 -38.92
N GLN B 217 -29.60 7.05 -37.91
CA GLN B 217 -30.74 7.09 -36.99
C GLN B 217 -30.49 8.18 -35.96
N LYS B 218 -31.50 9.01 -35.69
CA LYS B 218 -31.37 10.04 -34.67
C LYS B 218 -32.26 9.57 -33.53
N ILE B 219 -31.62 9.00 -32.51
CA ILE B 219 -32.31 8.45 -31.34
C ILE B 219 -32.33 9.53 -30.25
N HIS B 220 -33.48 10.20 -30.08
CA HIS B 220 -33.64 11.29 -29.13
C HIS B 220 -34.19 10.84 -27.77
N PHE B 221 -34.67 9.60 -27.70
CA PHE B 221 -35.30 9.07 -26.51
C PHE B 221 -34.68 7.76 -26.02
N PRO B 222 -34.14 7.74 -24.78
CA PRO B 222 -33.65 6.47 -24.22
C PRO B 222 -34.82 5.55 -23.81
N ASP B 223 -34.53 4.26 -23.59
CA ASP B 223 -35.50 3.23 -23.19
C ASP B 223 -35.71 3.17 -21.69
N PHE B 224 -34.92 3.96 -20.95
CA PHE B 224 -34.97 4.08 -19.50
C PHE B 224 -33.96 5.15 -19.11
N SER B 225 -34.30 5.88 -18.04
CA SER B 225 -33.42 6.90 -17.49
C SER B 225 -33.60 7.03 -15.97
N THR B 226 -32.49 7.30 -15.26
CA THR B 226 -32.48 7.54 -13.82
C THR B 226 -31.38 8.52 -13.42
N ARG B 227 -31.67 9.35 -12.43
CA ARG B 227 -30.75 10.29 -11.77
C ARG B 227 -30.80 9.95 -10.26
N ASP B 228 -31.36 8.79 -9.88
CA ASP B 228 -31.51 8.44 -8.46
C ASP B 228 -30.46 7.47 -7.90
N ILE B 229 -29.35 7.24 -8.63
CA ILE B 229 -28.30 6.32 -8.15
C ILE B 229 -27.17 7.12 -7.46
N HIS B 230 -26.61 8.11 -8.16
CA HIS B 230 -25.50 8.93 -7.69
C HIS B 230 -25.89 10.40 -7.61
N ARG B 231 -25.12 11.20 -6.86
CA ARG B 231 -25.37 12.64 -6.69
C ARG B 231 -24.23 13.50 -7.28
N ASN B 232 -23.40 12.90 -8.15
CA ASN B 232 -22.28 13.58 -8.82
C ASN B 232 -22.01 12.91 -10.19
N TYR B 233 -20.95 13.35 -10.90
CA TYR B 233 -20.56 12.80 -12.21
C TYR B 233 -20.47 11.28 -12.16
N VAL B 234 -21.17 10.60 -13.05
CA VAL B 234 -21.09 9.12 -13.10
C VAL B 234 -20.05 8.87 -14.19
N ASP B 235 -18.84 8.40 -13.78
CA ASP B 235 -17.72 8.28 -14.72
C ASP B 235 -17.38 6.84 -15.15
N CYS B 236 -18.15 5.85 -14.73
CA CYS B 236 -17.93 4.46 -15.15
C CYS B 236 -19.20 3.65 -14.99
N VAL B 237 -19.56 2.91 -16.02
CA VAL B 237 -20.74 2.03 -16.04
C VAL B 237 -20.40 0.71 -16.74
N ARG B 238 -20.84 -0.39 -16.18
CA ARG B 238 -20.64 -1.70 -16.76
C ARG B 238 -21.81 -2.62 -16.44
N TRP B 239 -22.18 -3.46 -17.40
CA TRP B 239 -23.22 -4.44 -17.13
C TRP B 239 -22.61 -5.62 -16.35
N LEU B 240 -23.40 -6.21 -15.45
CA LEU B 240 -23.12 -7.44 -14.70
C LEU B 240 -24.38 -8.27 -14.89
N GLY B 241 -24.42 -9.01 -16.00
CA GLY B 241 -25.60 -9.74 -16.43
C GLY B 241 -26.65 -8.69 -16.78
N ASP B 242 -27.83 -8.79 -16.16
CA ASP B 242 -28.93 -7.86 -16.34
C ASP B 242 -28.84 -6.69 -15.32
N LEU B 243 -27.86 -6.75 -14.42
CA LEU B 243 -27.65 -5.71 -13.42
C LEU B 243 -26.63 -4.71 -13.89
N ILE B 244 -26.56 -3.57 -13.20
CA ILE B 244 -25.64 -2.50 -13.51
C ILE B 244 -24.73 -2.23 -12.33
N LEU B 245 -23.46 -1.97 -12.63
CA LEU B 245 -22.45 -1.50 -11.71
C LEU B 245 -22.08 -0.10 -12.23
N SER B 246 -22.20 0.90 -11.37
CA SER B 246 -21.82 2.26 -11.74
C SER B 246 -21.18 2.98 -10.55
N LYS B 247 -20.33 3.95 -10.84
CA LYS B 247 -19.66 4.70 -9.80
C LYS B 247 -19.62 6.16 -10.15
N SER B 248 -19.56 6.94 -9.10
CA SER B 248 -19.35 8.37 -9.12
C SER B 248 -18.02 8.59 -8.30
N CYS B 249 -17.83 9.77 -7.71
CA CYS B 249 -16.64 10.11 -6.93
C CYS B 249 -17.00 10.08 -5.43
N GLU B 250 -17.96 9.22 -5.05
CA GLU B 250 -18.52 9.10 -3.70
C GLU B 250 -18.02 7.85 -2.94
N ASN B 251 -16.84 7.33 -3.35
CA ASN B 251 -16.14 6.18 -2.75
C ASN B 251 -16.99 4.88 -2.69
N ALA B 252 -17.82 4.65 -3.72
CA ALA B 252 -18.64 3.44 -3.83
C ALA B 252 -18.97 3.09 -5.27
N ILE B 253 -18.96 1.78 -5.57
CA ILE B 253 -19.46 1.24 -6.83
C ILE B 253 -20.84 0.71 -6.40
N VAL B 254 -21.89 1.17 -7.09
CA VAL B 254 -23.28 0.80 -6.78
C VAL B 254 -23.78 -0.26 -7.73
N CYS B 255 -24.33 -1.34 -7.16
CA CYS B 255 -24.97 -2.38 -7.94
C CYS B 255 -26.46 -2.12 -7.90
N TRP B 256 -27.09 -1.97 -9.07
CA TRP B 256 -28.50 -1.64 -9.14
C TRP B 256 -29.15 -2.19 -10.39
N LYS B 257 -30.49 -2.07 -10.45
CA LYS B 257 -31.25 -2.49 -11.62
C LYS B 257 -32.43 -1.53 -11.84
N PRO B 258 -32.84 -1.30 -13.12
CA PRO B 258 -34.06 -0.52 -13.37
C PRO B 258 -35.29 -1.29 -12.83
N GLY B 259 -36.31 -0.55 -12.47
CA GLY B 259 -37.57 -1.09 -11.97
C GLY B 259 -37.50 -1.62 -10.56
N LYS B 260 -38.59 -2.30 -10.14
CA LYS B 260 -38.73 -2.91 -8.83
C LYS B 260 -37.90 -4.20 -8.76
N MET B 261 -37.75 -4.78 -7.55
CA MET B 261 -36.95 -5.99 -7.33
C MET B 261 -37.21 -7.10 -8.35
N GLU B 262 -38.50 -7.40 -8.59
CA GLU B 262 -39.07 -8.45 -9.45
C GLU B 262 -39.13 -8.12 -10.97
N ASP B 263 -38.81 -6.90 -11.38
CA ASP B 263 -38.92 -6.51 -12.80
C ASP B 263 -37.78 -6.98 -13.71
N ASP B 264 -38.15 -7.63 -14.84
CA ASP B 264 -37.23 -8.11 -15.90
C ASP B 264 -36.84 -6.86 -16.71
N ILE B 265 -35.53 -6.70 -16.94
CA ILE B 265 -34.97 -5.57 -17.69
C ILE B 265 -35.56 -5.44 -19.10
N ASP B 266 -35.92 -6.57 -19.73
CA ASP B 266 -36.49 -6.50 -21.07
C ASP B 266 -38.03 -6.30 -21.07
N LYS B 267 -38.63 -6.13 -19.87
CA LYS B 267 -40.06 -5.82 -19.71
C LYS B 267 -40.26 -4.35 -19.29
N ILE B 268 -39.17 -3.70 -18.83
CA ILE B 268 -39.07 -2.30 -18.40
C ILE B 268 -39.54 -1.34 -19.53
N LYS B 269 -40.50 -0.45 -19.24
CA LYS B 269 -41.01 0.56 -20.19
C LYS B 269 -40.18 1.83 -20.03
N PRO B 270 -40.08 2.71 -21.07
CA PRO B 270 -39.29 3.95 -20.90
C PRO B 270 -39.76 4.91 -19.81
N SER B 271 -41.02 4.77 -19.35
CA SER B 271 -41.61 5.60 -18.30
C SER B 271 -41.31 5.04 -16.88
N GLU B 272 -40.57 3.90 -16.80
CA GLU B 272 -40.20 3.26 -15.52
C GLU B 272 -39.53 4.28 -14.59
N SER B 273 -40.17 4.57 -13.46
CA SER B 273 -39.69 5.57 -12.51
C SER B 273 -38.91 4.95 -11.34
N ASN B 274 -38.97 3.61 -11.18
CA ASN B 274 -38.28 2.92 -10.09
C ASN B 274 -36.91 2.40 -10.46
N VAL B 275 -36.03 2.30 -9.44
CA VAL B 275 -34.70 1.69 -9.46
C VAL B 275 -34.59 0.90 -8.16
N THR B 276 -33.83 -0.18 -8.17
CA THR B 276 -33.60 -1.00 -6.98
C THR B 276 -32.10 -1.08 -6.78
N ILE B 277 -31.60 -0.66 -5.59
CA ILE B 277 -30.18 -0.75 -5.22
C ILE B 277 -30.02 -2.13 -4.60
N LEU B 278 -29.08 -2.92 -5.12
CA LEU B 278 -28.85 -4.28 -4.66
C LEU B 278 -27.64 -4.43 -3.74
N GLY B 279 -26.73 -3.46 -3.80
CA GLY B 279 -25.55 -3.45 -2.95
C GLY B 279 -24.56 -2.40 -3.36
N ARG B 280 -23.47 -2.30 -2.59
CA ARG B 280 -22.39 -1.39 -2.91
C ARG B 280 -21.05 -1.93 -2.46
N PHE B 281 -20.05 -1.63 -3.29
CA PHE B 281 -18.66 -2.00 -3.04
C PHE B 281 -18.05 -0.70 -2.52
N ASP B 282 -17.76 -0.66 -1.22
CA ASP B 282 -17.20 0.53 -0.58
C ASP B 282 -15.68 0.50 -0.58
N TYR B 283 -15.05 1.67 -0.67
CA TYR B 283 -13.59 1.84 -0.68
C TYR B 283 -13.24 3.26 -0.19
N SER B 284 -11.97 3.63 -0.26
CA SER B 284 -11.49 4.92 0.24
C SER B 284 -10.61 5.63 -0.77
N GLN B 285 -10.45 6.96 -0.58
CA GLN B 285 -9.57 7.82 -1.36
C GLN B 285 -9.67 7.62 -2.87
N CYS B 286 -10.89 7.65 -3.40
CA CYS B 286 -11.15 7.59 -4.83
C CYS B 286 -12.34 8.53 -5.09
N ASP B 287 -12.16 9.78 -4.63
CA ASP B 287 -13.17 10.83 -4.70
C ASP B 287 -12.87 11.89 -5.75
N ILE B 288 -11.91 11.62 -6.65
CA ILE B 288 -11.57 12.51 -7.76
C ILE B 288 -12.32 12.03 -9.01
N TRP B 289 -12.56 12.92 -9.98
CA TRP B 289 -13.23 12.53 -11.22
C TRP B 289 -12.26 11.77 -12.12
N TYR B 290 -12.83 10.93 -13.00
CA TYR B 290 -12.18 10.18 -14.08
C TYR B 290 -11.31 9.04 -13.57
N MET B 291 -11.96 8.07 -12.94
CA MET B 291 -11.35 6.87 -12.38
C MET B 291 -12.24 5.70 -12.82
N ARG B 292 -11.71 4.79 -13.65
CA ARG B 292 -12.45 3.64 -14.18
C ARG B 292 -12.28 2.41 -13.33
N PHE B 293 -13.33 1.62 -13.20
CA PHE B 293 -13.24 0.29 -12.59
C PHE B 293 -13.26 -0.72 -13.77
N SER B 294 -12.81 -1.95 -13.54
CA SER B 294 -12.76 -2.99 -14.58
C SER B 294 -13.17 -4.33 -14.06
N MET B 295 -13.60 -5.19 -14.97
CA MET B 295 -13.92 -6.56 -14.64
C MET B 295 -13.07 -7.47 -15.51
N ASP B 296 -12.78 -8.67 -15.03
CA ASP B 296 -12.05 -9.66 -15.83
C ASP B 296 -13.05 -10.21 -16.88
N PHE B 297 -12.53 -10.93 -17.88
CA PHE B 297 -13.35 -11.49 -18.96
C PHE B 297 -14.55 -12.29 -18.44
N TRP B 298 -14.30 -13.06 -17.38
CA TRP B 298 -15.25 -13.95 -16.72
C TRP B 298 -16.28 -13.25 -15.82
N GLN B 299 -16.01 -11.99 -15.42
CA GLN B 299 -16.85 -11.19 -14.51
C GLN B 299 -16.90 -11.84 -13.12
N LYS B 300 -15.78 -12.44 -12.74
CA LYS B 300 -15.59 -13.11 -11.46
C LYS B 300 -14.80 -12.19 -10.53
N MET B 301 -14.11 -11.17 -11.11
CA MET B 301 -13.31 -10.20 -10.37
C MET B 301 -13.62 -8.78 -10.81
N LEU B 302 -13.59 -7.85 -9.85
CA LEU B 302 -13.81 -6.43 -10.04
C LEU B 302 -12.59 -5.68 -9.49
N ALA B 303 -12.01 -4.77 -10.30
CA ALA B 303 -10.83 -4.00 -9.86
C ALA B 303 -11.01 -2.50 -10.04
N LEU B 304 -10.49 -1.73 -9.07
CA LEU B 304 -10.53 -0.28 -9.10
C LEU B 304 -9.32 0.28 -8.40
N GLY B 305 -8.63 1.18 -9.09
CA GLY B 305 -7.49 1.89 -8.51
C GLY B 305 -7.96 3.16 -7.83
N ASN B 306 -7.25 3.59 -6.80
CA ASN B 306 -7.63 4.81 -6.09
C ASN B 306 -6.61 5.95 -6.36
N GLN B 307 -6.87 7.15 -5.83
CA GLN B 307 -6.05 8.34 -6.09
C GLN B 307 -4.64 8.33 -5.47
N VAL B 308 -4.32 7.36 -4.59
CA VAL B 308 -2.99 7.30 -3.95
C VAL B 308 -2.24 6.00 -4.29
N GLY B 309 -2.56 5.38 -5.43
CA GLY B 309 -1.87 4.18 -5.89
C GLY B 309 -2.22 2.86 -5.24
N LYS B 310 -3.40 2.78 -4.58
CA LYS B 310 -3.86 1.50 -4.00
C LYS B 310 -4.83 0.87 -5.00
N LEU B 311 -4.77 -0.46 -5.12
CA LEU B 311 -5.59 -1.20 -6.08
C LEU B 311 -6.55 -2.12 -5.32
N TYR B 312 -7.85 -1.84 -5.41
CA TYR B 312 -8.89 -2.66 -4.77
C TYR B 312 -9.34 -3.73 -5.72
N VAL B 313 -9.46 -4.97 -5.22
CA VAL B 313 -9.91 -6.13 -6.01
C VAL B 313 -11.00 -6.87 -5.20
N TRP B 314 -12.17 -7.09 -5.82
CA TRP B 314 -13.26 -7.83 -5.16
C TRP B 314 -13.56 -9.11 -5.95
N ASP B 315 -13.93 -10.18 -5.23
CA ASP B 315 -14.33 -11.47 -5.78
C ASP B 315 -15.86 -11.40 -5.95
N LEU B 316 -16.34 -11.42 -7.20
CA LEU B 316 -17.77 -11.32 -7.52
C LEU B 316 -18.56 -12.63 -7.30
N GLU B 317 -17.86 -13.77 -7.05
CA GLU B 317 -18.47 -15.08 -6.81
C GLU B 317 -18.45 -15.45 -5.32
N CYS B 326 -13.06 -8.17 -0.08
CA CYS B 326 -12.12 -7.25 -0.72
C CYS B 326 -10.66 -7.60 -0.40
N THR B 327 -9.73 -7.16 -1.27
CA THR B 327 -8.27 -7.31 -1.15
C THR B 327 -7.64 -6.00 -1.68
N THR B 328 -6.60 -5.50 -0.99
CA THR B 328 -5.94 -4.25 -1.41
C THR B 328 -4.49 -4.51 -1.81
N LEU B 329 -4.16 -4.19 -3.06
CA LEU B 329 -2.82 -4.36 -3.62
C LEU B 329 -2.08 -3.04 -3.54
N THR B 330 -0.97 -3.03 -2.79
CA THR B 330 -0.15 -1.85 -2.56
C THR B 330 1.32 -2.13 -2.81
N HIS B 331 2.04 -1.10 -3.27
CA HIS B 331 3.48 -1.12 -3.47
C HIS B 331 3.98 0.23 -2.99
N HIS B 332 5.12 0.24 -2.26
CA HIS B 332 5.71 1.44 -1.69
C HIS B 332 6.10 2.49 -2.74
N LYS B 333 6.43 2.06 -3.98
CA LYS B 333 6.77 2.98 -5.07
C LYS B 333 5.54 3.45 -5.87
N CYS B 334 4.35 2.86 -5.61
CA CYS B 334 3.09 3.17 -6.32
C CYS B 334 2.23 4.12 -5.48
N GLY B 335 2.36 5.42 -5.73
CA GLY B 335 1.66 6.45 -4.98
C GLY B 335 0.80 7.42 -5.78
N ALA B 336 0.82 7.36 -7.12
CA ALA B 336 0.00 8.25 -7.97
C ALA B 336 -1.36 7.62 -8.30
N ALA B 337 -2.36 8.45 -8.69
CA ALA B 337 -3.70 7.95 -9.01
C ALA B 337 -3.69 6.89 -10.12
N ILE B 338 -4.36 5.76 -9.87
CA ILE B 338 -4.54 4.67 -10.84
C ILE B 338 -5.86 4.98 -11.61
N ARG B 339 -5.71 5.46 -12.86
CA ARG B 339 -6.83 5.86 -13.73
C ARG B 339 -7.64 4.69 -14.29
N GLN B 340 -6.95 3.61 -14.68
CA GLN B 340 -7.57 2.41 -15.24
C GLN B 340 -6.69 1.18 -15.03
N THR B 341 -7.34 0.04 -14.96
CA THR B 341 -6.76 -1.29 -14.83
C THR B 341 -7.32 -2.19 -15.94
N SER B 342 -6.58 -3.25 -16.26
CA SER B 342 -7.05 -4.24 -17.24
C SER B 342 -6.52 -5.62 -16.85
N PHE B 343 -7.40 -6.62 -16.87
CA PHE B 343 -7.01 -8.00 -16.63
C PHE B 343 -6.68 -8.63 -17.99
N SER B 344 -5.71 -9.56 -18.01
CA SER B 344 -5.42 -10.38 -19.20
C SER B 344 -6.66 -11.29 -19.35
N ARG B 345 -6.92 -11.84 -20.54
CA ARG B 345 -8.12 -12.69 -20.78
C ARG B 345 -8.29 -13.83 -19.77
N ASP B 346 -7.18 -14.47 -19.40
CA ASP B 346 -7.16 -15.60 -18.45
C ASP B 346 -7.15 -15.16 -16.98
N SER B 347 -7.21 -13.82 -16.72
CA SER B 347 -7.22 -13.19 -15.38
C SER B 347 -5.94 -13.46 -14.52
N SER B 348 -4.85 -13.96 -15.14
CA SER B 348 -3.60 -14.25 -14.44
C SER B 348 -2.78 -12.97 -14.22
N ILE B 349 -3.02 -11.93 -15.06
CA ILE B 349 -2.30 -10.66 -15.01
C ILE B 349 -3.27 -9.48 -14.87
N LEU B 350 -2.93 -8.54 -14.00
CA LEU B 350 -3.66 -7.30 -13.79
C LEU B 350 -2.65 -6.17 -13.94
N ILE B 351 -2.92 -5.27 -14.90
CA ILE B 351 -2.11 -4.10 -15.19
C ILE B 351 -2.82 -2.85 -14.68
N ALA B 352 -2.10 -1.97 -13.98
CA ALA B 352 -2.62 -0.69 -13.51
C ALA B 352 -1.77 0.43 -14.13
N VAL B 353 -2.41 1.50 -14.60
CA VAL B 353 -1.72 2.66 -15.19
C VAL B 353 -2.04 3.90 -14.35
N CYS B 354 -1.06 4.81 -14.24
CA CYS B 354 -1.09 5.95 -13.31
C CYS B 354 -0.87 7.35 -13.92
N ASP B 355 -1.18 8.37 -13.09
CA ASP B 355 -1.01 9.79 -13.38
C ASP B 355 0.44 10.21 -13.59
N ASP B 356 1.41 9.45 -13.04
CA ASP B 356 2.85 9.76 -13.18
C ASP B 356 3.51 8.95 -14.33
N ALA B 357 2.68 8.47 -15.31
CA ALA B 357 3.09 7.67 -16.48
C ALA B 357 3.61 6.27 -16.12
N SER B 358 3.34 5.82 -14.88
CA SER B 358 3.81 4.50 -14.45
C SER B 358 2.80 3.39 -14.76
N ILE B 359 3.34 2.18 -15.05
CA ILE B 359 2.61 0.96 -15.39
C ILE B 359 2.99 -0.08 -14.35
N TRP B 360 1.99 -0.77 -13.77
CA TRP B 360 2.21 -1.77 -12.73
C TRP B 360 1.64 -3.12 -13.10
N ARG B 361 2.46 -4.17 -13.01
CA ARG B 361 2.06 -5.54 -13.32
C ARG B 361 1.92 -6.37 -12.04
N TRP B 362 0.72 -6.92 -11.85
CA TRP B 362 0.32 -7.77 -10.74
C TRP B 362 -0.02 -9.15 -11.32
N ASP B 363 0.72 -10.19 -10.91
CA ASP B 363 0.51 -11.56 -11.37
C ASP B 363 -0.19 -12.41 -10.28
N ARG B 364 -1.27 -13.13 -10.67
CA ARG B 364 -2.09 -13.97 -9.80
C ARG B 364 -1.36 -15.24 -9.36
MG MG C . 32.61 -13.64 18.03
MG MG D . 28.55 -22.06 5.55
MG MG E . 27.09 -9.96 -1.68
C1 L9W F . 2.25 9.07 13.02
C2 L9W F . 2.83 7.87 12.64
C3 L9W F . 4.07 7.53 13.14
C4 L9W F . 4.74 8.35 14.04
C5 L9W F . 4.13 9.56 14.41
C6 L9W F . 2.89 9.91 13.93
C7 L9W F . 6.04 7.95 14.62
C8 L9W F . 6.15 6.71 15.26
C11 L9W F . 9.27 9.29 15.14
C12 L9W F . 9.61 5.23 16.99
C15 L9W F . 10.93 2.98 14.19
C16 L9W F . 9.92 2.05 14.03
C17 L9W F . 8.79 2.17 14.85
C18 L9W F . 8.68 3.18 15.79
C19 L9W F . 7.38 3.05 16.53
O1 L9W F . -0.33 8.73 13.11
S L9W F . 0.65 9.51 12.41
O L9W F . 0.53 10.93 12.43
C L9W F . 0.68 8.98 10.73
C10 L9W F . 7.20 8.78 14.63
N2 L9W F . 7.44 10.01 14.20
N3 L9W F . 8.78 10.30 14.47
N1 L9W F . 8.34 8.30 15.26
C9 L9W F . 8.39 7.04 15.85
N L9W F . 7.32 6.26 15.82
N4 L9W F . 9.53 6.56 16.40
C13 L9W F . 9.71 4.13 15.95
C20 L9W F . 6.77 1.82 15.87
O2 L9W F . 7.71 1.33 14.87
C14 L9W F . 10.84 4.00 15.14
C1 54N G . -7.26 15.23 -17.07
C2 54N G . -8.30 14.35 -16.57
C3 54N G . -8.32 14.09 -15.20
C7 54N G . -3.05 16.63 -13.66
C8 54N G . -3.83 14.37 -13.65
C9 54N G . -9.34 13.72 -17.44
C10 54N G . -9.26 12.36 -17.71
C11 54N G . -11.18 12.32 -19.02
C12 54N G . -11.37 13.74 -18.81
C13 54N G . -10.45 14.42 -17.99
C14 54N G . -10.64 15.87 -17.77
C15 54N G . -12.45 14.50 -19.39
C16 54N G . -11.92 10.17 -19.96
C19 54N G . -14.26 8.74 -17.28
C20 54N G . -13.40 7.98 -16.51
C21 54N G . -12.04 7.95 -16.86
C22 54N G . -11.55 8.64 -17.96
C24 54N G . -9.79 7.48 -16.89
F 54N G . -14.62 10.23 -19.06
C18 54N G . -13.77 9.45 -18.35
O1 54N G . -11.05 7.22 -16.22
C23 54N G . -10.08 8.37 -18.11
C17 54N G . -12.44 9.43 -18.73
N5 54N G . -12.03 11.60 -19.78
N2 54N G . -10.14 11.67 -18.43
N4 54N G . -12.62 15.76 -19.23
N3 54N G . -11.71 16.41 -18.44
O 54N G . -9.96 16.57 -17.03
C4 54N G . -7.37 14.65 -14.38
C5 54N G . -6.40 15.49 -14.93
C6 54N G . -5.38 16.18 -14.05
N1 54N G . -4.01 15.69 -14.24
N 54N G . -6.35 15.76 -16.25
C 54N G . -7.11 15.60 -18.51
#